data_6LBV
#
_entry.id   6LBV
#
_cell.length_a   100.609
_cell.length_b   100.609
_cell.length_c   180.380
_cell.angle_alpha   90.000
_cell.angle_beta   90.000
_cell.angle_gamma   90.000
#
_symmetry.space_group_name_H-M   'P 43 21 2'
#
loop_
_entity.id
_entity.type
_entity.pdbx_description
1 polymer 'Beta-D-glucan exohydrolase isoenzyme ExoI'
2 branched 'beta-D-glucopyranose-(1-6)-methyl 6-thio-beta-D-glucopyranoside'
3 non-polymer GLYCEROL
4 non-polymer 'PENTAETHYLENE GLYCOL'
5 non-polymer 'SULFATE ION'
6 non-polymer 'ACETATE ION'
7 water water
#
_entity_poly.entity_id   1
_entity_poly.type   'polypeptide(L)'
_entity_poly.pdbx_seq_one_letter_code
;HHAADYVLYKDATKPVEDRVADLLGRMTLAEKIGQMTQIERLVATPDVLRDNFIGSLLSGGGSVPRKGATAKEWQDMVDG
FQKACMSTRLGIPMIYGIDAVHGQNNVYGATIFPHNVGLGATRDPYLVKRIGEATALEVRATGIQYAFAPCIAVCRDPRW
GRCYESYSEDRRIVQSMTELIPGLQGDVPKDFTSGMPFVAGKNKVAACAKHFVGDGGTVDGINENNTIINREGLMNIHMP
AYKNAMDKGVSTVMISYSSWNGVKMHANQDLVTGYLKDTLKFKGFVISDWEGIDRITTPAGSDYSYSVKASILAGLDMIM
VPNKYQQFISILTGHVNGGVIPMSRIDDAVTRILRVKFTMGLFENPYADPAMAEQLGKQEHRDLAREAARKSLVLLKNGK
TSTDAPLLPLPKKAPKILVAGSHADNLGYQCGGWTIEFQGDTGRTTVGTTILEAVKAAVDPSTVVVFAENPDAEFVKSGG
FSYAIVAVGEHPYTETKGDNLNLTIPEPGLSTVQAVCGGVRCATVLISGRPVVVQPLLAASDALVAAWLPGSEGQGVTDA
LFGDFGFTGRLPRTWFKSVDQLPMNVGDAHYDPLFRLGYGLTTNATKKY
;
_entity_poly.pdbx_strand_id   A
#
loop_
_chem_comp.id
_chem_comp.type
_chem_comp.name
_chem_comp.formula
1PE non-polymer 'PENTAETHYLENE GLYCOL' 'C10 H22 O6'
ACT non-polymer 'ACETATE ION' 'C2 H3 O2 -1'
BGC D-saccharide, beta linking beta-D-glucopyranose 'C6 H12 O6'
GOL non-polymer GLYCEROL 'C3 H8 O3'
SO4 non-polymer 'SULFATE ION' 'O4 S -2'
U1Y D-saccharide 'methyl 6-thio-beta-D-glucopyranoside' 'C7 H14 O5 S'
#
# COMPACT_ATOMS: atom_id res chain seq x y z
N ALA A 4 29.26 11.66 -34.96
CA ALA A 4 28.68 11.40 -36.32
C ALA A 4 27.25 10.86 -36.24
N ASP A 5 27.10 9.73 -35.57
CA ASP A 5 25.81 9.09 -35.33
C ASP A 5 25.11 9.56 -33.99
N TYR A 6 25.24 10.85 -33.69
CA TYR A 6 24.77 11.46 -32.42
C TYR A 6 23.25 11.47 -32.44
N VAL A 7 22.58 11.09 -31.34
CA VAL A 7 21.13 11.20 -31.29
C VAL A 7 20.85 11.88 -29.95
N LEU A 8 20.20 13.06 -29.98
CA LEU A 8 20.14 13.94 -28.78
C LEU A 8 19.42 13.22 -27.61
N TYR A 9 18.36 12.48 -27.89
CA TYR A 9 17.63 11.82 -26.75
C TYR A 9 18.47 10.81 -26.02
N LYS A 10 19.49 10.28 -26.68
CA LYS A 10 20.42 9.35 -26.07
C LYS A 10 21.53 9.99 -25.32
N ASP A 11 21.61 11.32 -25.32
CA ASP A 11 22.67 12.05 -24.59
C ASP A 11 22.25 12.42 -23.17
N ALA A 12 22.88 11.76 -22.20
CA ALA A 12 22.57 11.91 -20.76
C ALA A 12 22.84 13.27 -20.25
N THR A 13 23.61 14.08 -21.00
CA THR A 13 23.98 15.43 -20.48
C THR A 13 22.93 16.44 -20.88
N LYS A 14 21.94 16.03 -21.67
CA LYS A 14 20.95 16.99 -22.19
C LYS A 14 19.78 17.15 -21.21
N PRO A 15 19.16 18.32 -21.18
CA PRO A 15 17.97 18.55 -20.35
C PRO A 15 16.85 17.60 -20.72
N VAL A 16 16.09 17.16 -19.71
CA VAL A 16 15.02 16.19 -19.90
C VAL A 16 14.06 16.66 -20.94
N GLU A 17 13.63 17.93 -20.93
CA GLU A 17 12.60 18.34 -21.91
C GLU A 17 13.06 18.31 -23.35
N ASP A 18 14.34 18.56 -23.57
CA ASP A 18 14.93 18.46 -24.90
C ASP A 18 15.01 17.01 -25.32
N ARG A 19 15.35 16.11 -24.37
CA ARG A 19 15.39 14.69 -24.73
C ARG A 19 13.98 14.17 -25.07
N VAL A 20 12.99 14.51 -24.23
CA VAL A 20 11.61 14.16 -24.53
C VAL A 20 11.23 14.61 -25.92
N ALA A 21 11.42 15.88 -26.23
CA ALA A 21 10.97 16.39 -27.51
C ALA A 21 11.73 15.77 -28.64
N ASP A 22 13.01 15.52 -28.44
CA ASP A 22 13.81 14.88 -29.52
C ASP A 22 13.33 13.47 -29.84
N LEU A 23 13.00 12.69 -28.81
CA LEU A 23 12.49 11.34 -29.01
C LEU A 23 11.10 11.35 -29.57
N LEU A 24 10.20 12.16 -29.02
CA LEU A 24 8.80 12.18 -29.47
C LEU A 24 8.69 12.43 -30.99
N GLY A 25 9.51 13.37 -31.47
CA GLY A 25 9.51 13.82 -32.89
C GLY A 25 9.93 12.69 -33.80
N ARG A 26 10.53 11.63 -33.27
CA ARG A 26 11.01 10.57 -34.13
C ARG A 26 10.06 9.41 -34.18
N MET A 27 9.09 9.39 -33.28
CA MET A 27 8.30 8.17 -33.04
C MET A 27 7.15 7.97 -34.01
N THR A 28 6.90 6.75 -34.42
CA THR A 28 5.71 6.42 -35.17
C THR A 28 4.51 6.34 -34.29
N LEU A 29 3.34 6.31 -34.88
CA LEU A 29 2.13 6.10 -34.07
C LEU A 29 2.15 4.80 -33.27
N ALA A 30 2.61 3.69 -33.86
CA ALA A 30 2.76 2.45 -33.12
C ALA A 30 3.69 2.57 -31.91
N GLU A 31 4.74 3.35 -32.10
CA GLU A 31 5.74 3.57 -31.05
C GLU A 31 5.12 4.36 -29.91
N LYS A 32 4.32 5.36 -30.30
CA LYS A 32 3.63 6.19 -29.29
C LYS A 32 2.59 5.43 -28.48
N ILE A 33 1.72 4.68 -29.19
CA ILE A 33 0.67 3.97 -28.48
C ILE A 33 1.29 2.86 -27.65
N GLY A 34 2.41 2.30 -28.11
CA GLY A 34 3.12 1.29 -27.29
C GLY A 34 3.55 1.88 -25.95
N GLN A 35 4.08 3.08 -25.94
CA GLN A 35 4.50 3.70 -24.69
C GLN A 35 3.36 3.81 -23.71
N MET A 36 2.17 4.06 -24.22
CA MET A 36 0.97 4.21 -23.40
C MET A 36 0.37 2.89 -22.92
N THR A 37 0.99 1.79 -23.25
CA THR A 37 0.45 0.49 -22.95
C THR A 37 1.29 -0.21 -21.88
N GLN A 38 0.63 -0.55 -20.78
CA GLN A 38 1.22 -1.37 -19.75
C GLN A 38 0.60 -2.74 -19.73
N ILE A 39 1.46 -3.80 -19.72
CA ILE A 39 0.99 -5.19 -19.70
C ILE A 39 1.53 -5.99 -18.53
N GLU A 40 0.76 -7.00 -18.14
CA GLU A 40 1.15 -7.97 -17.11
C GLU A 40 2.35 -8.73 -17.59
N ARG A 41 3.29 -8.98 -16.68
CA ARG A 41 4.36 -9.92 -17.00
C ARG A 41 3.77 -11.27 -17.50
N LEU A 42 2.63 -11.65 -16.94
CA LEU A 42 1.99 -12.90 -17.34
C LEU A 42 1.67 -13.01 -18.80
N VAL A 43 1.56 -11.92 -19.53
CA VAL A 43 1.30 -11.99 -20.98
C VAL A 43 2.47 -11.50 -21.80
N ALA A 44 3.59 -11.12 -21.19
CA ALA A 44 4.71 -10.53 -21.89
C ALA A 44 5.64 -11.64 -22.41
N THR A 45 6.20 -11.44 -23.59
CA THR A 45 7.29 -12.24 -24.09
C THR A 45 8.20 -11.22 -24.77
N PRO A 46 9.43 -11.62 -25.13
CA PRO A 46 10.28 -10.69 -25.87
C PRO A 46 9.66 -10.16 -27.18
N ASP A 47 9.02 -11.04 -27.97
CA ASP A 47 8.43 -10.65 -29.20
C ASP A 47 7.29 -9.67 -29.00
N VAL A 48 6.45 -9.93 -27.99
CA VAL A 48 5.34 -9.02 -27.74
C VAL A 48 5.84 -7.65 -27.43
N LEU A 49 6.87 -7.60 -26.59
CA LEU A 49 7.38 -6.33 -26.09
C LEU A 49 7.99 -5.56 -27.23
N ARG A 50 8.77 -6.24 -28.05
CA ARG A 50 9.40 -5.59 -29.25
C ARG A 50 8.45 -5.20 -30.32
N ASP A 51 7.62 -6.16 -30.72
CA ASP A 51 6.68 -5.95 -31.82
C ASP A 51 5.65 -4.88 -31.53
N ASN A 52 5.21 -4.68 -30.27
CA ASN A 52 4.23 -3.70 -29.93
C ASN A 52 4.82 -2.45 -29.23
N PHE A 53 6.15 -2.39 -29.17
CA PHE A 53 6.83 -1.23 -28.65
C PHE A 53 6.31 -0.90 -27.20
N ILE A 54 6.16 -1.95 -26.39
CA ILE A 54 5.53 -1.77 -25.09
C ILE A 54 6.27 -0.82 -24.16
N GLY A 55 5.54 0.03 -23.45
CA GLY A 55 6.09 1.06 -22.57
C GLY A 55 6.34 0.62 -21.17
N SER A 56 5.51 -0.28 -20.70
CA SER A 56 5.57 -0.67 -19.28
C SER A 56 5.08 -2.06 -19.04
N LEU A 57 5.58 -2.72 -17.99
CA LEU A 57 5.04 -3.92 -17.49
C LEU A 57 4.69 -3.70 -16.02
N LEU A 58 3.87 -4.62 -15.53
CA LEU A 58 3.60 -4.76 -14.07
C LEU A 58 3.54 -6.17 -13.66
N SER A 59 3.78 -6.34 -12.37
CA SER A 59 3.28 -7.44 -11.59
C SER A 59 2.09 -6.94 -10.80
N GLY A 60 0.94 -7.52 -11.10
CA GLY A 60 -0.18 -7.28 -10.24
C GLY A 60 -0.04 -8.13 -8.96
N GLY A 61 -0.96 -8.00 -8.03
CA GLY A 61 -0.84 -8.79 -6.78
C GLY A 61 -0.67 -10.29 -7.01
N GLY A 62 0.40 -10.82 -6.44
CA GLY A 62 0.76 -12.22 -6.59
C GLY A 62 1.44 -12.67 -7.84
N SER A 63 1.71 -11.72 -8.74
CA SER A 63 2.31 -12.01 -10.04
C SER A 63 3.85 -12.04 -9.94
N VAL A 64 4.39 -13.23 -9.76
CA VAL A 64 5.74 -13.51 -9.44
C VAL A 64 6.38 -14.55 -10.40
N PRO A 65 7.68 -14.52 -10.49
CA PRO A 65 8.28 -15.45 -11.44
C PRO A 65 8.16 -16.90 -10.96
N ARG A 66 8.25 -17.08 -9.65
CA ARG A 66 7.89 -18.33 -9.02
C ARG A 66 7.80 -18.10 -7.53
N LYS A 67 7.13 -19.03 -6.86
CA LYS A 67 7.09 -18.94 -5.39
C LYS A 67 8.52 -19.04 -4.86
N GLY A 68 8.84 -18.20 -3.90
CA GLY A 68 10.16 -18.29 -3.29
C GLY A 68 11.29 -17.71 -4.09
N ALA A 69 10.99 -16.97 -5.15
CA ALA A 69 11.99 -16.50 -6.07
C ALA A 69 12.97 -15.57 -5.34
N THR A 70 14.22 -15.67 -5.64
CA THR A 70 15.26 -14.81 -5.02
C THR A 70 15.21 -13.45 -5.66
N ALA A 71 15.94 -12.50 -5.05
CA ALA A 71 16.09 -11.18 -5.60
C ALA A 71 16.72 -11.27 -7.02
N LYS A 72 17.71 -12.14 -7.16
CA LYS A 72 18.33 -12.27 -8.46
C LYS A 72 17.40 -12.81 -9.55
N GLU A 73 16.52 -13.70 -9.20
CA GLU A 73 15.50 -14.24 -10.13
C GLU A 73 14.61 -13.12 -10.60
N TRP A 74 14.20 -12.21 -9.68
CA TRP A 74 13.40 -11.09 -10.11
C TRP A 74 14.20 -10.17 -11.01
N GLN A 75 15.45 -9.87 -10.65
CA GLN A 75 16.33 -9.06 -11.52
C GLN A 75 16.45 -9.65 -12.91
N ASP A 76 16.63 -10.96 -13.01
CA ASP A 76 16.86 -11.62 -14.30
C ASP A 76 15.53 -11.58 -15.12
N MET A 77 14.41 -11.73 -14.44
CA MET A 77 13.11 -11.55 -15.12
C MET A 77 12.96 -10.16 -15.72
N VAL A 78 13.16 -9.10 -14.92
CA VAL A 78 12.94 -7.76 -15.32
C VAL A 78 13.96 -7.43 -16.44
N ASP A 79 15.21 -7.81 -16.24
CA ASP A 79 16.22 -7.57 -17.28
C ASP A 79 15.93 -8.28 -18.63
N GLY A 80 15.41 -9.50 -18.58
CA GLY A 80 14.95 -10.17 -19.81
C GLY A 80 13.92 -9.41 -20.60
N PHE A 81 12.93 -8.86 -19.93
CA PHE A 81 11.94 -8.02 -20.55
C PHE A 81 12.61 -6.71 -21.06
N GLN A 82 13.52 -6.14 -20.24
CA GLN A 82 14.15 -4.89 -20.62
C GLN A 82 15.00 -5.06 -21.92
N LYS A 83 15.70 -6.17 -21.99
CA LYS A 83 16.53 -6.45 -23.17
C LYS A 83 15.72 -6.45 -24.47
N ALA A 84 14.53 -7.02 -24.42
CA ALA A 84 13.66 -6.98 -25.53
C ALA A 84 13.25 -5.54 -25.87
N CYS A 85 12.85 -4.73 -24.90
CA CYS A 85 12.50 -3.33 -25.10
C CYS A 85 13.67 -2.52 -25.68
N MET A 86 14.87 -2.75 -25.18
CA MET A 86 16.03 -1.99 -25.59
C MET A 86 16.45 -2.41 -27.05
N SER A 87 15.91 -3.48 -27.54
CA SER A 87 16.20 -3.97 -28.89
C SER A 87 15.27 -3.39 -29.94
N THR A 88 14.28 -2.58 -29.58
CA THR A 88 13.48 -1.88 -30.54
C THR A 88 14.35 -0.84 -31.30
N ARG A 89 13.75 -0.35 -32.38
CA ARG A 89 14.37 0.69 -33.22
C ARG A 89 14.87 1.85 -32.40
N LEU A 90 14.05 2.37 -31.48
CA LEU A 90 14.39 3.53 -30.72
C LEU A 90 14.98 3.17 -29.35
N GLY A 91 14.83 1.93 -28.92
CA GLY A 91 15.49 1.47 -27.68
C GLY A 91 14.97 2.15 -26.43
N ILE A 92 13.66 2.39 -26.40
CA ILE A 92 13.05 3.06 -25.26
C ILE A 92 12.87 2.02 -24.09
N PRO A 93 13.53 2.22 -22.95
CA PRO A 93 13.42 1.21 -21.88
C PRO A 93 12.00 1.20 -21.30
N MET A 94 11.50 0.01 -20.96
CA MET A 94 10.28 -0.10 -20.21
C MET A 94 10.47 0.27 -18.73
N ILE A 95 9.38 0.75 -18.10
CA ILE A 95 9.31 0.91 -16.63
C ILE A 95 8.45 -0.25 -16.09
N TYR A 96 8.96 -0.91 -15.04
CA TYR A 96 8.26 -2.02 -14.46
C TYR A 96 7.66 -1.57 -13.12
N GLY A 97 6.37 -1.77 -12.95
CA GLY A 97 5.61 -1.34 -11.77
C GLY A 97 5.14 -2.53 -10.92
N ILE A 98 5.01 -2.29 -9.62
CA ILE A 98 4.56 -3.29 -8.69
C ILE A 98 3.93 -2.60 -7.49
N ASP A 99 3.03 -3.32 -6.83
CA ASP A 99 2.46 -2.84 -5.51
C ASP A 99 3.44 -3.18 -4.38
N ALA A 100 4.35 -2.25 -4.10
CA ALA A 100 5.23 -2.29 -2.93
C ALA A 100 4.59 -1.27 -2.02
N VAL A 101 3.54 -1.75 -1.35
CA VAL A 101 2.68 -0.87 -0.55
C VAL A 101 2.93 -1.02 1.00
N HIS A 102 3.66 -2.06 1.47
CA HIS A 102 4.11 -2.10 2.85
C HIS A 102 5.37 -2.87 2.89
N GLY A 103 6.37 -2.32 2.20
CA GLY A 103 7.53 -3.06 1.80
C GLY A 103 7.32 -3.58 0.36
N GLN A 104 8.28 -4.32 -0.15
CA GLN A 104 8.20 -4.95 -1.46
C GLN A 104 7.45 -6.27 -1.33
N ASN A 105 6.17 -6.14 -1.02
CA ASN A 105 5.40 -7.20 -0.37
C ASN A 105 4.98 -8.41 -1.21
N ASN A 106 5.16 -8.40 -2.54
CA ASN A 106 4.96 -9.62 -3.32
C ASN A 106 6.10 -10.59 -3.23
N VAL A 107 7.27 -10.13 -2.73
CA VAL A 107 8.53 -10.86 -2.85
C VAL A 107 8.85 -11.62 -1.61
N TYR A 108 9.17 -12.89 -1.77
CA TYR A 108 9.61 -13.71 -0.64
C TYR A 108 10.84 -13.16 0.02
N GLY A 109 10.86 -13.00 1.34
CA GLY A 109 12.03 -12.44 2.02
C GLY A 109 12.13 -10.96 2.07
N ALA A 110 11.17 -10.22 1.48
CA ALA A 110 11.16 -8.77 1.62
C ALA A 110 10.69 -8.38 3.01
N THR A 111 11.23 -7.27 3.50
CA THR A 111 10.70 -6.74 4.75
C THR A 111 9.28 -6.33 4.59
N ILE A 112 8.37 -6.75 5.52
CA ILE A 112 6.97 -6.33 5.47
C ILE A 112 6.70 -5.32 6.57
N PHE A 113 6.47 -4.06 6.18
CA PHE A 113 6.18 -3.03 7.15
C PHE A 113 4.70 -3.04 7.55
N PRO A 114 4.35 -2.40 8.68
CA PRO A 114 2.94 -2.24 9.00
C PRO A 114 2.19 -1.63 7.85
N HIS A 115 0.92 -2.05 7.72
CA HIS A 115 0.05 -1.37 6.81
C HIS A 115 -0.24 0.07 7.19
N ASN A 116 -0.74 0.82 6.24
CA ASN A 116 -0.87 2.29 6.42
C ASN A 116 -1.69 2.74 7.62
N VAL A 117 -2.76 2.03 7.93
CA VAL A 117 -3.57 2.45 9.13
C VAL A 117 -2.72 2.46 10.38
N GLY A 118 -1.86 1.45 10.60
CA GLY A 118 -0.95 1.53 11.68
C GLY A 118 0.08 2.60 11.60
N LEU A 119 0.63 2.85 10.42
CA LEU A 119 1.52 4.00 10.23
C LEU A 119 0.84 5.32 10.62
N GLY A 120 -0.42 5.46 10.30
CA GLY A 120 -1.20 6.63 10.77
C GLY A 120 -1.19 6.75 12.27
N ALA A 121 -1.30 5.63 12.98
CA ALA A 121 -1.28 5.64 14.44
C ALA A 121 0.03 6.19 15.04
N THR A 122 1.17 6.09 14.30
CA THR A 122 2.45 6.55 14.80
C THR A 122 2.51 8.06 14.83
N ARG A 123 1.69 8.73 14.02
CA ARG A 123 1.83 10.17 13.77
C ARG A 123 3.30 10.59 13.56
N ASP A 124 4.06 9.78 12.81
CA ASP A 124 5.53 10.01 12.65
C ASP A 124 5.88 10.03 11.17
N PRO A 125 5.70 11.17 10.51
CA PRO A 125 5.99 11.29 9.09
C PRO A 125 7.43 11.00 8.73
N TYR A 126 8.40 11.25 9.62
CA TYR A 126 9.78 10.93 9.31
C TYR A 126 10.03 9.40 9.32
N LEU A 127 9.35 8.69 10.23
CA LEU A 127 9.36 7.24 10.21
C LEU A 127 8.82 6.73 8.85
N VAL A 128 7.74 7.32 8.35
CA VAL A 128 7.15 6.87 7.10
C VAL A 128 8.10 7.22 5.93
N LYS A 129 8.77 8.37 5.99
CA LYS A 129 9.76 8.65 4.97
C LYS A 129 10.85 7.62 4.92
N ARG A 130 11.39 7.27 6.07
CA ARG A 130 12.43 6.24 6.15
C ARG A 130 11.93 4.91 5.63
N ILE A 131 10.67 4.59 5.91
CA ILE A 131 10.05 3.37 5.31
C ILE A 131 10.04 3.45 3.79
N GLY A 132 9.73 4.61 3.25
CA GLY A 132 9.81 4.81 1.79
C GLY A 132 11.19 4.57 1.25
N GLU A 133 12.16 5.14 1.92
CA GLU A 133 13.57 4.85 1.62
C GLU A 133 13.98 3.40 1.55
N ALA A 134 13.63 2.68 2.58
CA ALA A 134 13.91 1.25 2.68
C ALA A 134 13.16 0.46 1.69
N THR A 135 11.95 0.87 1.44
CA THR A 135 11.09 0.16 0.44
C THR A 135 11.68 0.33 -0.97
N ALA A 136 12.09 1.54 -1.33
CA ALA A 136 12.70 1.77 -2.60
C ALA A 136 13.95 0.89 -2.83
N LEU A 137 14.76 0.76 -1.82
CA LEU A 137 15.93 -0.15 -1.86
C LEU A 137 15.54 -1.60 -2.11
N GLU A 138 14.50 -2.10 -1.41
CA GLU A 138 14.07 -3.46 -1.60
C GLU A 138 13.38 -3.69 -2.90
N VAL A 139 12.71 -2.67 -3.41
CA VAL A 139 12.15 -2.73 -4.76
C VAL A 139 13.29 -2.81 -5.83
N ARG A 140 14.27 -1.93 -5.71
CA ARG A 140 15.43 -1.96 -6.64
C ARG A 140 16.27 -3.25 -6.50
N ALA A 141 16.25 -3.89 -5.32
CA ALA A 141 16.89 -5.16 -5.10
C ALA A 141 16.38 -6.21 -6.08
N THR A 142 15.12 -6.04 -6.47
CA THR A 142 14.44 -6.94 -7.39
C THR A 142 14.40 -6.42 -8.82
N GLY A 143 15.08 -5.33 -9.07
CA GLY A 143 15.19 -4.82 -10.43
C GLY A 143 14.07 -3.93 -10.85
N ILE A 144 13.13 -3.69 -9.96
CA ILE A 144 11.92 -2.92 -10.30
C ILE A 144 12.12 -1.47 -10.00
N GLN A 145 11.55 -0.61 -10.83
CA GLN A 145 11.82 0.86 -10.76
C GLN A 145 10.64 1.75 -10.40
N TYR A 146 9.48 1.15 -10.11
CA TYR A 146 8.22 1.86 -9.91
C TYR A 146 7.31 1.10 -8.96
N ALA A 147 6.87 1.82 -7.93
CA ALA A 147 5.97 1.37 -6.88
C ALA A 147 4.67 2.08 -6.96
N PHE A 148 3.59 1.32 -7.00
CA PHE A 148 2.25 1.88 -6.96
C PHE A 148 1.78 2.30 -5.56
N ALA A 149 2.49 3.28 -5.03
CA ALA A 149 2.32 3.78 -3.68
C ALA A 149 2.78 5.21 -3.62
N PRO A 150 2.22 5.99 -2.66
CA PRO A 150 1.27 5.66 -1.62
C PRO A 150 -0.19 5.68 -2.03
N CYS A 151 -0.97 4.80 -1.41
CA CYS A 151 -2.38 5.00 -1.34
C CYS A 151 -2.70 6.15 -0.37
N ILE A 152 -3.20 7.25 -0.90
CA ILE A 152 -3.58 8.41 -0.12
C ILE A 152 -5.10 8.51 0.03
N ALA A 153 -5.79 7.40 -0.14
CA ALA A 153 -7.20 7.41 0.24
C ALA A 153 -7.40 7.89 1.67
N VAL A 154 -8.53 8.55 1.85
CA VAL A 154 -8.98 9.03 3.20
C VAL A 154 -10.17 8.17 3.44
N CYS A 155 -10.02 7.10 4.19
CA CYS A 155 -11.08 6.12 4.25
C CYS A 155 -12.12 6.68 5.29
N ARG A 156 -13.34 6.80 4.84
CA ARG A 156 -14.42 7.47 5.63
C ARG A 156 -15.40 6.44 6.19
N ASP A 157 -15.14 5.17 5.91
CA ASP A 157 -15.99 4.08 6.40
C ASP A 157 -15.20 2.79 6.48
N PRO A 158 -15.03 2.26 7.68
CA PRO A 158 -14.08 1.13 7.88
C PRO A 158 -14.65 -0.17 7.30
N ARG A 159 -15.93 -0.13 6.82
CA ARG A 159 -16.43 -1.27 6.09
C ARG A 159 -15.73 -1.47 4.75
N TRP A 160 -15.04 -0.49 4.25
CA TRP A 160 -14.27 -0.70 3.02
C TRP A 160 -13.15 -1.71 3.25
N GLY A 161 -13.05 -2.70 2.36
CA GLY A 161 -12.01 -3.68 2.44
C GLY A 161 -10.58 -3.28 2.18
N ARG A 162 -10.37 -2.03 1.83
CA ARG A 162 -9.03 -1.43 1.73
C ARG A 162 -8.78 -0.41 2.76
N CYS A 163 -9.62 -0.33 3.79
CA CYS A 163 -9.42 0.77 4.81
C CYS A 163 -7.98 0.75 5.44
N TYR A 164 -7.36 -0.44 5.57
CA TYR A 164 -6.02 -0.54 6.09
C TYR A 164 -4.97 0.15 5.23
N GLU A 165 -5.28 0.34 3.94
CA GLU A 165 -4.41 1.12 3.03
C GLU A 165 -4.51 2.60 3.15
N SER A 166 -5.33 3.08 4.07
CA SER A 166 -5.46 4.51 4.35
C SER A 166 -4.85 4.84 5.69
N TYR A 167 -4.02 5.88 5.71
CA TYR A 167 -3.33 6.28 6.95
C TYR A 167 -4.36 6.72 8.02
N SER A 168 -5.51 7.25 7.56
CA SER A 168 -6.42 7.89 8.50
C SER A 168 -7.70 8.33 7.85
N GLU A 169 -8.77 8.47 8.70
CA GLU A 169 -10.03 9.15 8.26
C GLU A 169 -9.87 10.63 8.24
N ASP A 170 -8.79 11.12 8.82
CA ASP A 170 -8.49 12.58 8.90
C ASP A 170 -7.47 12.90 7.82
N ARG A 171 -7.85 13.72 6.89
CA ARG A 171 -7.03 14.13 5.74
C ARG A 171 -5.74 14.76 6.19
N ARG A 172 -5.71 15.42 7.33
CA ARG A 172 -4.48 16.03 7.77
C ARG A 172 -3.35 15.00 8.07
N ILE A 173 -3.75 13.85 8.60
CA ILE A 173 -2.76 12.79 8.90
C ILE A 173 -2.31 12.18 7.56
N VAL A 174 -3.28 11.98 6.66
CA VAL A 174 -2.92 11.48 5.29
C VAL A 174 -1.93 12.42 4.62
N GLN A 175 -2.24 13.71 4.69
CA GLN A 175 -1.36 14.72 4.10
C GLN A 175 0.06 14.59 4.72
N SER A 176 0.12 14.49 6.03
CA SER A 176 1.46 14.41 6.71
C SER A 176 2.28 13.17 6.25
N MET A 177 1.59 12.07 5.93
CA MET A 177 2.24 10.81 5.51
C MET A 177 2.55 10.73 4.04
N THR A 178 2.26 11.78 3.27
CA THR A 178 2.84 11.93 1.92
C THR A 178 4.38 11.99 1.92
N GLU A 179 5.03 12.14 3.10
CA GLU A 179 6.48 11.99 3.27
C GLU A 179 6.92 10.62 2.73
N LEU A 180 6.04 9.66 2.58
CA LEU A 180 6.46 8.41 1.88
C LEU A 180 7.11 8.73 0.53
N ILE A 181 6.51 9.68 -0.19
CA ILE A 181 6.94 10.02 -1.58
C ILE A 181 8.43 10.35 -1.68
N PRO A 182 8.93 11.38 -0.96
CA PRO A 182 10.38 11.67 -1.05
C PRO A 182 11.23 10.56 -0.45
N GLY A 183 10.63 9.70 0.38
CA GLY A 183 11.38 8.48 0.76
C GLY A 183 11.62 7.55 -0.42
N LEU A 184 10.57 7.27 -1.17
CA LEU A 184 10.64 6.32 -2.30
C LEU A 184 11.45 6.94 -3.43
N GLN A 185 11.25 8.22 -3.67
CA GLN A 185 11.77 8.90 -4.85
C GLN A 185 13.04 9.74 -4.65
N GLY A 186 13.32 10.10 -3.42
CA GLY A 186 14.28 11.13 -3.08
C GLY A 186 13.69 12.51 -2.90
N ASP A 187 14.38 13.34 -2.12
CA ASP A 187 13.92 14.68 -1.86
C ASP A 187 14.06 15.49 -3.09
N VAL A 188 13.10 16.35 -3.33
CA VAL A 188 13.16 17.20 -4.48
C VAL A 188 14.21 18.35 -4.33
N PRO A 189 14.74 18.84 -5.45
CA PRO A 189 15.63 20.01 -5.44
C PRO A 189 15.03 21.23 -4.74
N LYS A 190 15.85 22.12 -4.23
CA LYS A 190 15.29 23.28 -3.48
C LYS A 190 14.50 24.24 -4.41
N ASP A 191 14.84 24.24 -5.68
CA ASP A 191 14.22 25.08 -6.67
C ASP A 191 12.94 24.47 -7.30
N PHE A 192 12.34 23.48 -6.64
CA PHE A 192 11.48 22.55 -7.37
C PHE A 192 10.12 23.17 -7.78
N THR A 193 9.59 22.86 -8.95
CA THR A 193 8.22 23.30 -9.28
C THR A 193 7.13 22.25 -8.93
N SER A 194 6.19 22.61 -8.06
CA SER A 194 5.08 21.74 -7.71
C SER A 194 4.42 21.14 -8.97
N GLY A 195 4.26 19.83 -8.93
CA GLY A 195 3.66 19.09 -10.01
C GLY A 195 4.61 18.41 -10.98
N MET A 196 5.88 18.79 -10.97
CA MET A 196 6.85 18.14 -11.80
C MET A 196 7.16 16.79 -11.20
N PRO A 197 7.44 15.80 -12.03
CA PRO A 197 7.84 14.46 -11.49
C PRO A 197 9.28 14.49 -11.09
N PHE A 198 9.66 13.67 -10.12
CA PHE A 198 11.03 13.55 -9.67
C PHE A 198 11.36 12.17 -9.17
N VAL A 199 12.51 11.65 -9.55
CA VAL A 199 13.09 10.48 -8.95
C VAL A 199 14.62 10.75 -8.96
N ALA A 200 15.31 10.50 -7.85
CA ALA A 200 16.71 10.88 -7.74
C ALA A 200 17.71 10.10 -8.55
N GLY A 201 17.42 8.85 -8.83
CA GLY A 201 18.33 8.00 -9.61
C GLY A 201 18.08 6.53 -9.28
N LYS A 202 19.09 5.67 -9.52
CA LYS A 202 18.89 4.23 -9.61
C LYS A 202 18.66 3.54 -8.27
N ASN A 203 18.88 4.22 -7.15
CA ASN A 203 18.57 3.72 -5.83
C ASN A 203 17.20 4.16 -5.31
N LYS A 204 16.46 4.83 -6.15
CA LYS A 204 15.08 5.37 -5.85
C LYS A 204 14.11 4.76 -6.89
N VAL A 205 12.82 4.86 -6.59
CA VAL A 205 11.77 4.41 -7.50
C VAL A 205 10.78 5.54 -7.78
N ALA A 206 10.15 5.50 -8.94
CA ALA A 206 8.97 6.31 -9.15
C ALA A 206 7.85 5.85 -8.24
N ALA A 207 7.13 6.84 -7.69
CA ALA A 207 5.99 6.66 -6.83
C ALA A 207 4.70 6.91 -7.59
N CYS A 208 3.59 6.65 -6.90
CA CYS A 208 2.28 6.77 -7.50
C CYS A 208 1.26 7.12 -6.41
N ALA A 209 0.71 8.30 -6.47
CA ALA A 209 -0.35 8.70 -5.57
C ALA A 209 -1.65 8.10 -6.10
N LYS A 210 -2.38 7.36 -5.27
CA LYS A 210 -3.52 6.64 -5.75
C LYS A 210 -4.58 6.62 -4.63
N HIS A 211 -5.83 6.38 -4.98
CA HIS A 211 -6.40 6.31 -6.31
C HIS A 211 -7.26 7.58 -6.52
N PHE A 212 -6.96 8.32 -7.56
CA PHE A 212 -7.52 9.64 -7.76
C PHE A 212 -8.94 9.52 -8.26
N VAL A 213 -9.96 10.06 -7.56
CA VAL A 213 -9.92 10.71 -6.27
C VAL A 213 -11.21 10.30 -5.57
N GLY A 214 -11.19 10.28 -4.27
CA GLY A 214 -12.37 9.90 -3.45
C GLY A 214 -12.60 8.42 -3.32
N ASP A 215 -11.54 7.63 -3.48
CA ASP A 215 -11.65 6.21 -3.25
C ASP A 215 -12.04 5.84 -1.85
N GLY A 216 -11.65 6.64 -0.89
CA GLY A 216 -11.98 6.44 0.51
C GLY A 216 -13.41 6.87 0.84
N GLY A 217 -14.10 7.47 -0.10
CA GLY A 217 -15.50 7.98 0.22
C GLY A 217 -16.68 7.06 -0.15
N THR A 218 -16.51 5.77 -0.42
CA THR A 218 -17.56 5.09 -1.26
C THR A 218 -18.79 4.53 -0.50
N VAL A 219 -20.02 4.74 -1.07
CA VAL A 219 -21.35 4.49 -0.39
C VAL A 219 -21.57 3.04 0.11
N ASP A 220 -21.91 2.90 1.41
CA ASP A 220 -21.97 1.61 2.19
C ASP A 220 -20.58 0.96 2.47
N GLY A 221 -19.51 1.75 2.29
CA GLY A 221 -18.13 1.26 2.23
C GLY A 221 -17.67 0.76 0.86
N ILE A 222 -18.61 0.37 -0.01
CA ILE A 222 -18.41 -0.73 -1.00
C ILE A 222 -17.29 -0.56 -2.12
N ASN A 223 -17.33 0.52 -2.90
CA ASN A 223 -16.45 0.66 -4.12
C ASN A 223 -16.74 -0.35 -5.24
N GLU A 224 -16.15 -0.11 -6.42
CA GLU A 224 -16.68 -0.56 -7.70
C GLU A 224 -17.87 0.41 -7.90
N ASN A 225 -17.84 1.52 -7.13
CA ASN A 225 -19.05 2.16 -6.58
C ASN A 225 -18.94 3.69 -6.50
N ASN A 226 -20.09 4.30 -6.12
CA ASN A 226 -20.29 5.74 -6.12
C ASN A 226 -19.81 6.38 -4.83
N THR A 227 -19.14 7.52 -5.00
CA THR A 227 -18.66 8.31 -3.88
C THR A 227 -19.49 9.61 -3.79
N ILE A 228 -20.44 9.57 -2.85
CA ILE A 228 -21.59 10.46 -2.86
C ILE A 228 -21.32 11.59 -1.86
N ILE A 229 -20.91 12.76 -2.40
CA ILE A 229 -20.60 13.95 -1.59
C ILE A 229 -20.40 15.06 -2.59
N ASN A 230 -20.34 16.32 -2.15
CA ASN A 230 -20.23 17.51 -3.07
C ASN A 230 -18.78 17.99 -3.32
N ARG A 231 -18.59 18.94 -4.25
CA ARG A 231 -17.27 19.57 -4.48
C ARG A 231 -16.60 19.95 -3.15
N GLU A 232 -17.38 20.45 -2.21
CA GLU A 232 -16.81 20.94 -0.98
C GLU A 232 -16.14 19.80 -0.22
N GLY A 233 -16.79 18.65 -0.04
CA GLY A 233 -16.18 17.48 0.63
C GLY A 233 -15.10 16.74 -0.22
N LEU A 234 -15.25 16.80 -1.55
CA LEU A 234 -14.15 16.36 -2.43
C LEU A 234 -12.91 17.15 -2.11
N MET A 235 -13.08 18.45 -2.09
CA MET A 235 -11.94 19.34 -2.04
C MET A 235 -11.41 19.45 -0.66
N ASN A 236 -12.26 19.21 0.33
CA ASN A 236 -11.82 19.43 1.66
C ASN A 236 -11.26 18.15 2.32
N ILE A 237 -11.78 17.00 1.88
CA ILE A 237 -11.40 15.73 2.50
C ILE A 237 -10.48 14.89 1.58
N HIS A 238 -10.93 14.66 0.36
CA HIS A 238 -10.31 13.65 -0.51
C HIS A 238 -9.20 14.14 -1.35
N MET A 239 -9.22 15.43 -1.72
CA MET A 239 -8.24 16.00 -2.59
C MET A 239 -6.96 16.55 -1.96
N PRO A 240 -6.98 17.16 -0.75
CA PRO A 240 -5.79 17.88 -0.32
C PRO A 240 -4.47 17.13 -0.42
N ALA A 241 -4.45 15.85 -0.02
CA ALA A 241 -3.15 15.16 -0.05
C ALA A 241 -2.56 15.05 -1.48
N TYR A 242 -3.40 15.12 -2.51
CA TYR A 242 -2.85 15.14 -3.88
C TYR A 242 -2.02 16.39 -4.15
N LYS A 243 -2.40 17.51 -3.50
CA LYS A 243 -1.61 18.76 -3.63
C LYS A 243 -0.30 18.57 -2.94
N ASN A 244 -0.26 17.95 -1.75
CA ASN A 244 1.01 17.70 -1.10
C ASN A 244 1.91 16.76 -1.98
N ALA A 245 1.27 15.80 -2.63
CA ALA A 245 2.02 14.87 -3.48
C ALA A 245 2.65 15.66 -4.64
N MET A 246 1.90 16.59 -5.25
CA MET A 246 2.49 17.46 -6.27
C MET A 246 3.68 18.23 -5.76
N ASP A 247 3.55 18.78 -4.55
CA ASP A 247 4.63 19.60 -4.00
C ASP A 247 5.90 18.74 -3.77
N LYS A 248 5.73 17.41 -3.62
CA LYS A 248 6.81 16.53 -3.38
C LYS A 248 7.22 15.78 -4.65
N GLY A 249 6.73 16.18 -5.82
CA GLY A 249 7.22 15.61 -7.08
C GLY A 249 6.77 14.17 -7.35
N VAL A 250 5.63 13.78 -6.86
CA VAL A 250 5.14 12.44 -7.17
C VAL A 250 5.15 12.23 -8.71
N SER A 251 5.70 11.10 -9.16
CA SER A 251 5.92 10.92 -10.57
C SER A 251 4.70 10.49 -11.34
N THR A 252 3.82 9.74 -10.71
CA THR A 252 2.63 9.23 -11.39
C THR A 252 1.40 9.33 -10.48
N VAL A 253 0.24 9.30 -11.06
CA VAL A 253 -1.03 9.26 -10.34
C VAL A 253 -1.89 8.18 -10.95
N MET A 254 -2.47 7.32 -10.13
CA MET A 254 -3.36 6.24 -10.61
C MET A 254 -4.80 6.62 -10.37
N ILE A 255 -5.63 6.40 -11.35
CA ILE A 255 -7.06 6.76 -11.28
C ILE A 255 -7.88 5.67 -10.56
N SER A 256 -8.89 6.09 -9.78
CA SER A 256 -9.79 5.24 -9.05
C SER A 256 -10.78 4.53 -9.95
N TYR A 257 -11.06 3.27 -9.66
CA TYR A 257 -12.30 2.60 -10.19
C TYR A 257 -13.56 3.29 -9.90
N SER A 258 -13.57 4.05 -8.82
CA SER A 258 -14.79 4.73 -8.25
C SER A 258 -15.28 5.79 -9.21
N SER A 259 -16.44 6.28 -8.87
CA SER A 259 -17.05 7.40 -9.51
C SER A 259 -17.12 8.50 -8.50
N TRP A 260 -17.19 9.72 -8.97
CA TRP A 260 -17.42 10.85 -8.08
C TRP A 260 -18.75 11.42 -8.52
N ASN A 261 -19.74 11.37 -7.62
CA ASN A 261 -21.07 11.84 -7.96
C ASN A 261 -21.55 11.40 -9.30
N GLY A 262 -21.66 10.07 -9.35
CA GLY A 262 -22.10 9.38 -10.52
C GLY A 262 -21.23 9.40 -11.75
N VAL A 263 -20.09 10.12 -11.77
CA VAL A 263 -19.19 10.12 -12.96
C VAL A 263 -17.93 9.26 -12.74
N LYS A 264 -17.68 8.33 -13.63
CA LYS A 264 -16.56 7.35 -13.49
C LYS A 264 -15.30 8.17 -13.53
N MET A 265 -14.39 8.00 -12.58
CA MET A 265 -13.13 8.69 -12.62
C MET A 265 -12.32 8.44 -13.86
N HIS A 266 -12.35 7.23 -14.40
CA HIS A 266 -11.61 6.91 -15.58
C HIS A 266 -12.16 7.62 -16.83
N ALA A 267 -13.33 8.24 -16.71
CA ALA A 267 -13.90 9.04 -17.80
C ALA A 267 -14.06 10.49 -17.45
N ASN A 268 -13.50 10.93 -16.34
CA ASN A 268 -13.75 12.29 -15.82
C ASN A 268 -12.76 13.30 -16.27
N GLN A 269 -13.06 13.91 -17.43
CA GLN A 269 -12.14 14.88 -18.02
C GLN A 269 -11.93 16.08 -17.13
N ASP A 270 -13.01 16.54 -16.47
CA ASP A 270 -12.95 17.75 -15.66
C ASP A 270 -11.96 17.53 -14.51
N LEU A 271 -12.00 16.36 -13.86
CA LEU A 271 -11.02 16.16 -12.77
C LEU A 271 -9.61 15.76 -13.22
N VAL A 272 -9.53 14.83 -14.16
CA VAL A 272 -8.19 14.35 -14.61
C VAL A 272 -7.45 15.41 -15.37
N THR A 273 -8.10 16.04 -16.36
CA THR A 273 -7.40 17.05 -17.17
C THR A 273 -7.61 18.44 -16.52
N GLY A 274 -8.85 18.81 -16.33
CA GLY A 274 -9.15 20.19 -15.78
C GLY A 274 -8.51 20.48 -14.47
N TYR A 275 -8.56 19.50 -13.51
CA TYR A 275 -8.03 19.76 -12.20
C TYR A 275 -6.59 19.26 -12.01
N LEU A 276 -6.39 17.95 -12.14
CA LEU A 276 -5.02 17.38 -11.88
C LEU A 276 -3.99 17.97 -12.77
N LYS A 277 -4.21 17.94 -14.10
CA LYS A 277 -3.23 18.44 -15.01
C LYS A 277 -3.26 19.98 -15.08
N ASP A 278 -4.42 20.56 -15.32
CA ASP A 278 -4.43 22.00 -15.67
C ASP A 278 -4.45 22.92 -14.46
N THR A 279 -4.95 22.49 -13.29
CA THR A 279 -5.01 23.30 -12.08
C THR A 279 -3.88 22.99 -11.14
N LEU A 280 -3.66 21.70 -10.83
CA LEU A 280 -2.52 21.33 -9.93
C LEU A 280 -1.18 21.34 -10.69
N LYS A 281 -1.26 21.46 -12.02
CA LYS A 281 -0.11 21.48 -12.89
C LYS A 281 0.75 20.17 -12.79
N PHE A 282 0.06 19.06 -12.64
CA PHE A 282 0.73 17.75 -12.70
C PHE A 282 1.37 17.52 -14.07
N LYS A 283 2.66 17.20 -14.07
CA LYS A 283 3.40 16.98 -15.31
C LYS A 283 3.99 15.59 -15.43
N GLY A 284 3.75 14.70 -14.44
CA GLY A 284 4.06 13.29 -14.61
C GLY A 284 2.97 12.59 -15.40
N PHE A 285 2.93 11.26 -15.33
CA PHE A 285 1.92 10.50 -16.08
C PHE A 285 0.79 9.98 -15.21
N VAL A 286 -0.39 9.93 -15.83
CA VAL A 286 -1.59 9.39 -15.24
C VAL A 286 -1.85 8.00 -15.73
N ILE A 287 -1.94 7.05 -14.81
CA ILE A 287 -2.13 5.61 -15.16
C ILE A 287 -3.49 5.18 -14.75
N SER A 288 -4.08 4.29 -15.53
CA SER A 288 -5.32 3.70 -15.10
C SER A 288 -5.11 2.66 -13.98
N ASP A 289 -6.23 2.33 -13.34
CA ASP A 289 -6.23 1.17 -12.49
C ASP A 289 -6.44 -0.08 -13.38
N TRP A 290 -6.36 -1.25 -12.74
CA TRP A 290 -6.38 -2.54 -13.40
C TRP A 290 -7.76 -2.79 -14.09
N GLU A 291 -7.76 -2.86 -15.40
CA GLU A 291 -9.01 -2.92 -16.18
C GLU A 291 -9.92 -1.80 -15.79
N GLY A 292 -9.34 -0.67 -15.39
CA GLY A 292 -10.20 0.44 -14.95
C GLY A 292 -11.00 1.06 -16.08
N ILE A 293 -10.43 1.10 -17.28
CA ILE A 293 -11.19 1.67 -18.44
C ILE A 293 -12.35 0.73 -18.83
N ASP A 294 -12.15 -0.57 -18.70
CA ASP A 294 -13.16 -1.60 -18.91
C ASP A 294 -14.39 -1.31 -18.08
N ARG A 295 -14.15 -0.89 -16.84
CA ARG A 295 -15.18 -0.72 -15.81
C ARG A 295 -15.93 0.57 -15.99
N ILE A 296 -15.54 1.36 -16.97
CA ILE A 296 -16.33 2.54 -17.29
C ILE A 296 -17.77 2.19 -17.71
N THR A 297 -17.94 1.10 -18.42
CA THR A 297 -19.21 0.61 -18.87
C THR A 297 -19.83 -0.39 -17.92
N THR A 298 -21.13 -0.60 -18.08
CA THR A 298 -21.85 -1.66 -17.39
C THR A 298 -22.59 -2.52 -18.43
N PRO A 299 -22.29 -3.82 -18.49
CA PRO A 299 -21.24 -4.46 -17.74
C PRO A 299 -19.83 -4.03 -18.18
N ALA A 300 -18.84 -4.36 -17.35
CA ALA A 300 -17.46 -3.95 -17.63
C ALA A 300 -17.03 -4.66 -18.87
N GLY A 301 -16.30 -3.97 -19.76
CA GLY A 301 -15.73 -4.62 -20.89
C GLY A 301 -16.68 -4.75 -22.05
N SER A 302 -17.92 -4.30 -21.88
CA SER A 302 -18.96 -4.44 -22.92
C SER A 302 -18.89 -3.45 -24.06
N ASP A 303 -18.10 -2.37 -23.94
CA ASP A 303 -17.87 -1.54 -25.10
C ASP A 303 -16.44 -0.95 -25.01
N TYR A 304 -15.48 -1.77 -25.38
CA TYR A 304 -14.08 -1.45 -25.05
C TYR A 304 -13.63 -0.34 -25.93
N SER A 305 -14.21 -0.22 -27.12
CA SER A 305 -13.96 0.94 -27.96
C SER A 305 -14.31 2.23 -27.28
N TYR A 306 -15.48 2.27 -26.63
CA TYR A 306 -15.85 3.44 -25.87
C TYR A 306 -14.90 3.65 -24.67
N SER A 307 -14.60 2.57 -23.97
CA SER A 307 -13.66 2.64 -22.80
C SER A 307 -12.35 3.33 -23.21
N VAL A 308 -11.77 2.97 -24.36
CA VAL A 308 -10.49 3.60 -24.86
C VAL A 308 -10.71 5.07 -25.18
N LYS A 309 -11.80 5.36 -25.98
CA LYS A 309 -12.06 6.74 -26.30
C LYS A 309 -12.26 7.59 -25.07
N ALA A 310 -13.13 7.13 -24.17
CA ALA A 310 -13.48 7.93 -23.05
C ALA A 310 -12.28 8.21 -22.12
N SER A 311 -11.51 7.15 -21.85
CA SER A 311 -10.37 7.31 -20.91
C SER A 311 -9.27 8.20 -21.48
N ILE A 312 -8.92 7.97 -22.75
CA ILE A 312 -7.82 8.72 -23.34
C ILE A 312 -8.23 10.19 -23.54
N LEU A 313 -9.49 10.44 -23.96
CA LEU A 313 -9.96 11.82 -24.03
C LEU A 313 -10.05 12.43 -22.64
N ALA A 314 -10.36 11.64 -21.61
CA ALA A 314 -10.40 12.22 -20.27
C ALA A 314 -9.03 12.68 -19.79
N GLY A 315 -7.97 12.14 -20.37
CA GLY A 315 -6.63 12.62 -19.98
C GLY A 315 -5.67 11.58 -19.43
N LEU A 316 -6.10 10.33 -19.41
CA LEU A 316 -5.23 9.21 -18.95
C LEU A 316 -4.12 9.04 -19.95
N ASP A 317 -2.92 8.77 -19.42
CA ASP A 317 -1.71 8.66 -20.23
C ASP A 317 -1.24 7.24 -20.52
N MET A 318 -1.30 6.34 -19.53
CA MET A 318 -0.86 4.99 -19.63
C MET A 318 -1.98 4.10 -19.13
N ILE A 319 -2.31 3.06 -19.86
CA ILE A 319 -3.37 2.19 -19.55
C ILE A 319 -2.77 0.84 -19.07
N MET A 320 -3.17 0.50 -17.84
CA MET A 320 -2.93 -0.83 -17.23
C MET A 320 -3.94 -1.76 -17.84
N VAL A 321 -3.55 -2.36 -18.93
CA VAL A 321 -4.52 -3.07 -19.79
C VAL A 321 -5.30 -4.14 -19.03
N PRO A 322 -4.62 -5.12 -18.40
CA PRO A 322 -3.20 -5.41 -18.52
C PRO A 322 -2.94 -6.60 -19.39
N ASN A 323 -4.01 -7.23 -19.91
CA ASN A 323 -3.82 -8.49 -20.59
C ASN A 323 -4.07 -8.44 -22.05
N LYS A 324 -5.20 -7.85 -22.41
CA LYS A 324 -5.61 -7.78 -23.85
C LYS A 324 -5.02 -6.61 -24.57
N TYR A 325 -3.68 -6.61 -24.66
CA TYR A 325 -2.93 -5.54 -25.21
C TYR A 325 -3.22 -5.37 -26.75
N GLN A 326 -3.45 -6.46 -27.43
CA GLN A 326 -3.65 -6.39 -28.89
C GLN A 326 -4.95 -5.61 -29.19
N GLN A 327 -6.01 -5.91 -28.45
CA GLN A 327 -7.28 -5.17 -28.54
C GLN A 327 -7.09 -3.68 -28.21
N PHE A 328 -6.46 -3.36 -27.09
CA PHE A 328 -6.16 -1.98 -26.76
C PHE A 328 -5.43 -1.22 -27.82
N ILE A 329 -4.33 -1.77 -28.29
CA ILE A 329 -3.53 -1.05 -29.24
C ILE A 329 -4.31 -0.87 -30.59
N SER A 330 -4.95 -1.91 -31.05
CA SER A 330 -5.74 -1.90 -32.27
C SER A 330 -6.83 -0.85 -32.21
N ILE A 331 -7.57 -0.86 -31.12
CA ILE A 331 -8.64 0.12 -30.92
C ILE A 331 -8.15 1.56 -30.86
N LEU A 332 -7.08 1.82 -30.11
CA LEU A 332 -6.57 3.16 -30.01
C LEU A 332 -6.01 3.66 -31.34
N THR A 333 -5.31 2.75 -32.03
CA THR A 333 -4.75 3.04 -33.32
C THR A 333 -5.95 3.49 -34.27
N GLY A 334 -7.01 2.72 -34.27
CA GLY A 334 -8.22 2.99 -35.11
C GLY A 334 -8.76 4.38 -34.76
N HIS A 335 -8.92 4.64 -33.46
CA HIS A 335 -9.38 5.95 -33.02
C HIS A 335 -8.53 7.14 -33.50
N VAL A 336 -7.21 6.98 -33.46
CA VAL A 336 -6.33 8.03 -33.93
C VAL A 336 -6.45 8.12 -35.49
N ASN A 337 -6.49 6.99 -36.15
CA ASN A 337 -6.50 6.97 -37.65
C ASN A 337 -7.83 7.62 -38.09
N GLY A 338 -8.85 7.45 -37.31
CA GLY A 338 -10.17 8.03 -37.61
C GLY A 338 -10.42 9.46 -37.19
N GLY A 339 -9.43 10.09 -36.55
CA GLY A 339 -9.61 11.40 -35.97
C GLY A 339 -10.44 11.56 -34.74
N VAL A 340 -10.83 10.48 -34.09
CA VAL A 340 -11.63 10.55 -32.91
C VAL A 340 -10.78 11.01 -31.72
N ILE A 341 -9.50 10.57 -31.74
CA ILE A 341 -8.52 11.01 -30.71
C ILE A 341 -7.44 11.76 -31.43
N PRO A 342 -7.22 13.04 -31.08
CA PRO A 342 -6.24 13.80 -31.81
C PRO A 342 -4.79 13.46 -31.44
N MET A 343 -3.86 13.69 -32.39
CA MET A 343 -2.47 13.38 -32.17
C MET A 343 -1.92 14.18 -30.99
N SER A 344 -2.49 15.37 -30.79
CA SER A 344 -2.10 16.21 -29.69
C SER A 344 -2.30 15.46 -28.29
N ARG A 345 -3.33 14.63 -28.19
CA ARG A 345 -3.64 13.90 -26.95
C ARG A 345 -2.62 12.72 -26.78
N ILE A 346 -2.34 12.02 -27.86
CA ILE A 346 -1.32 10.96 -27.82
C ILE A 346 0.01 11.56 -27.45
N ASP A 347 0.33 12.68 -28.09
CA ASP A 347 1.64 13.31 -27.85
C ASP A 347 1.81 13.82 -26.42
N ASP A 348 0.71 14.28 -25.83
CA ASP A 348 0.72 14.70 -24.44
C ASP A 348 1.00 13.48 -23.54
N ALA A 349 0.31 12.37 -23.79
CA ALA A 349 0.49 11.16 -22.98
C ALA A 349 1.91 10.66 -23.05
N VAL A 350 2.44 10.55 -24.25
CA VAL A 350 3.80 10.13 -24.49
C VAL A 350 4.86 11.07 -23.93
N THR A 351 4.63 12.37 -24.06
CA THR A 351 5.49 13.36 -23.43
C THR A 351 5.65 13.08 -21.91
N ARG A 352 4.54 12.86 -21.23
CA ARG A 352 4.51 12.64 -19.78
C ARG A 352 5.21 11.35 -19.41
N ILE A 353 4.99 10.27 -20.19
CA ILE A 353 5.60 8.98 -19.86
C ILE A 353 7.11 9.10 -20.04
N LEU A 354 7.53 9.74 -21.15
CA LEU A 354 8.95 9.91 -21.44
C LEU A 354 9.60 10.84 -20.40
N ARG A 355 8.88 11.87 -19.98
CA ARG A 355 9.37 12.81 -19.02
C ARG A 355 9.76 12.05 -17.75
N VAL A 356 8.86 11.22 -17.24
CA VAL A 356 9.14 10.38 -16.07
C VAL A 356 10.33 9.48 -16.28
N LYS A 357 10.40 8.77 -17.42
CA LYS A 357 11.46 7.83 -17.69
C LYS A 357 12.82 8.54 -17.77
N PHE A 358 12.90 9.66 -18.48
CA PHE A 358 14.14 10.41 -18.55
C PHE A 358 14.55 10.96 -17.21
N THR A 359 13.60 11.58 -16.52
CA THR A 359 13.89 12.24 -15.23
C THR A 359 14.51 11.27 -14.23
N MET A 360 13.99 10.03 -14.22
CA MET A 360 14.34 9.06 -13.21
C MET A 360 15.67 8.37 -13.50
N GLY A 361 16.25 8.67 -14.70
CA GLY A 361 17.43 8.02 -15.18
C GLY A 361 17.30 6.68 -15.80
N LEU A 362 16.09 6.33 -16.23
CA LEU A 362 15.87 5.02 -16.78
C LEU A 362 16.59 4.75 -18.11
N PHE A 363 16.84 5.80 -18.91
CA PHE A 363 17.64 5.62 -20.12
C PHE A 363 19.10 5.41 -19.82
N GLU A 364 19.57 5.85 -18.67
CA GLU A 364 20.97 5.69 -18.27
C GLU A 364 21.19 4.42 -17.51
N ASN A 365 20.16 3.94 -16.79
CA ASN A 365 20.26 2.69 -16.01
C ASN A 365 19.05 1.84 -16.21
N PRO A 366 18.96 1.26 -17.43
CA PRO A 366 17.75 0.49 -17.69
C PRO A 366 17.74 -0.86 -17.03
N TYR A 367 18.92 -1.31 -16.63
CA TYR A 367 19.07 -2.72 -16.14
C TYR A 367 19.28 -2.71 -14.64
N ALA A 368 18.96 -3.83 -14.05
CA ALA A 368 19.12 -4.04 -12.59
C ALA A 368 20.54 -4.00 -12.11
N ASP A 369 20.73 -3.57 -10.87
CA ASP A 369 22.07 -3.60 -10.25
C ASP A 369 22.21 -4.82 -9.37
N PRO A 370 23.02 -5.79 -9.81
CA PRO A 370 23.15 -7.03 -8.98
C PRO A 370 23.58 -6.80 -7.58
N ALA A 371 24.32 -5.73 -7.34
CA ALA A 371 24.79 -5.38 -5.99
C ALA A 371 23.70 -4.95 -5.07
N MET A 372 22.54 -4.66 -5.62
CA MET A 372 21.42 -4.25 -4.76
C MET A 372 20.61 -5.43 -4.22
N ALA A 373 20.85 -6.65 -4.71
CA ALA A 373 20.04 -7.81 -4.32
C ALA A 373 20.04 -8.02 -2.86
N GLU A 374 21.15 -7.73 -2.21
CA GLU A 374 21.27 -7.89 -0.77
C GLU A 374 20.51 -6.87 0.06
N GLN A 375 19.91 -5.85 -0.57
CA GLN A 375 19.01 -4.98 0.17
C GLN A 375 17.70 -5.65 0.55
N LEU A 376 17.32 -6.73 -0.16
CA LEU A 376 16.13 -7.42 0.16
C LEU A 376 16.13 -8.08 1.53
N GLY A 377 15.15 -7.74 2.35
CA GLY A 377 15.04 -8.23 3.68
C GLY A 377 16.21 -7.86 4.59
N LYS A 378 16.95 -6.80 4.25
CA LYS A 378 18.12 -6.42 5.01
C LYS A 378 17.81 -6.10 6.49
N GLN A 379 18.62 -6.56 7.39
CA GLN A 379 18.32 -6.47 8.76
C GLN A 379 18.07 -5.02 9.26
N GLU A 380 18.77 -4.01 8.76
CA GLU A 380 18.48 -2.60 9.16
C GLU A 380 17.02 -2.24 8.84
N HIS A 381 16.52 -2.76 7.73
CA HIS A 381 15.14 -2.49 7.29
C HIS A 381 14.18 -3.18 8.19
N ARG A 382 14.51 -4.39 8.62
CA ARG A 382 13.69 -5.06 9.55
C ARG A 382 13.70 -4.34 10.90
N ASP A 383 14.84 -3.83 11.35
CA ASP A 383 14.88 -3.05 12.57
C ASP A 383 13.91 -1.84 12.46
N LEU A 384 13.87 -1.21 11.27
CA LEU A 384 12.96 -0.10 11.03
C LEU A 384 11.52 -0.54 11.08
N ALA A 385 11.21 -1.69 10.50
CA ALA A 385 9.85 -2.19 10.51
C ALA A 385 9.42 -2.51 11.95
N ARG A 386 10.35 -3.02 12.73
CA ARG A 386 10.11 -3.37 14.16
C ARG A 386 9.78 -2.10 14.98
N GLU A 387 10.51 -1.01 14.68
CA GLU A 387 10.29 0.31 15.29
C GLU A 387 8.88 0.77 14.88
N ALA A 388 8.55 0.63 13.58
CA ALA A 388 7.26 1.12 13.08
C ALA A 388 6.12 0.34 13.71
N ALA A 389 6.29 -0.98 13.79
CA ALA A 389 5.23 -1.85 14.31
C ALA A 389 4.98 -1.41 15.80
N ARG A 390 6.04 -1.28 16.57
CA ARG A 390 5.93 -0.88 17.98
C ARG A 390 5.19 0.48 18.12
N LYS A 391 5.58 1.46 17.27
CA LYS A 391 4.98 2.77 17.31
C LYS A 391 3.54 2.80 16.88
N SER A 392 3.13 1.84 16.05
CA SER A 392 1.78 1.74 15.55
C SER A 392 0.80 1.23 16.58
N LEU A 393 1.24 0.56 17.63
CA LEU A 393 0.34 -0.13 18.54
C LEU A 393 -0.44 0.91 19.35
N VAL A 394 -1.74 0.72 19.45
CA VAL A 394 -2.53 1.60 20.32
C VAL A 394 -3.04 0.80 21.51
N LEU A 395 -2.64 1.26 22.70
CA LEU A 395 -3.11 0.64 23.93
C LEU A 395 -4.50 1.16 24.31
N LEU A 396 -5.48 0.29 24.28
CA LEU A 396 -6.87 0.69 24.51
C LEU A 396 -7.30 0.45 25.97
N LYS A 397 -6.66 -0.46 26.66
CA LYS A 397 -7.03 -0.84 28.05
C LYS A 397 -5.82 -1.38 28.70
N ASN A 398 -5.56 -1.00 29.95
CA ASN A 398 -4.47 -1.55 30.68
C ASN A 398 -4.87 -1.64 32.19
N GLY A 399 -5.82 -2.49 32.50
CA GLY A 399 -6.38 -2.67 33.84
C GLY A 399 -7.90 -2.68 33.73
N LYS A 400 -8.55 -3.62 34.42
CA LYS A 400 -10.05 -3.69 34.37
C LYS A 400 -10.68 -2.64 35.21
N THR A 401 -10.01 -2.19 36.25
CA THR A 401 -10.59 -1.11 37.04
C THR A 401 -9.44 -0.13 37.28
N SER A 402 -9.76 1.05 37.74
CA SER A 402 -8.83 2.11 37.91
C SER A 402 -7.93 1.88 39.11
N THR A 403 -8.28 0.91 39.93
CA THR A 403 -7.55 0.49 41.09
C THR A 403 -6.57 -0.75 40.90
N ASP A 404 -6.78 -1.46 39.79
CA ASP A 404 -5.95 -2.60 39.47
C ASP A 404 -4.50 -2.23 39.18
N ALA A 405 -3.58 -3.14 39.46
CA ALA A 405 -2.23 -2.96 38.97
C ALA A 405 -2.28 -2.95 37.40
N PRO A 406 -1.47 -2.15 36.80
CA PRO A 406 -1.47 -2.17 35.31
C PRO A 406 -0.80 -3.44 34.91
N LEU A 407 -1.39 -4.15 33.98
CA LEU A 407 -0.83 -5.40 33.49
C LEU A 407 0.42 -5.18 32.66
N LEU A 408 0.37 -4.18 31.78
CA LEU A 408 1.51 -3.83 30.96
C LEU A 408 2.28 -2.67 31.55
N PRO A 409 3.62 -2.73 31.45
CA PRO A 409 4.44 -3.80 30.81
C PRO A 409 4.57 -5.05 31.64
N LEU A 410 4.64 -6.18 30.93
CA LEU A 410 4.78 -7.50 31.55
C LEU A 410 6.24 -7.74 31.92
N PRO A 411 6.51 -8.51 32.97
CA PRO A 411 7.90 -8.92 33.34
C PRO A 411 8.38 -9.98 32.39
N LYS A 412 9.61 -9.89 32.03
CA LYS A 412 10.26 -10.89 31.13
C LYS A 412 10.66 -12.16 31.86
N LYS A 413 10.69 -12.07 33.20
CA LYS A 413 11.04 -13.19 34.04
C LYS A 413 9.82 -13.64 34.80
N ALA A 414 9.33 -14.83 34.48
CA ALA A 414 8.18 -15.46 35.19
C ALA A 414 8.35 -16.95 35.07
N PRO A 415 7.77 -17.74 35.96
CA PRO A 415 8.09 -19.18 35.84
C PRO A 415 7.49 -19.79 34.61
N LYS A 416 6.26 -19.41 34.30
CA LYS A 416 5.60 -19.95 33.11
C LYS A 416 4.56 -18.98 32.59
N ILE A 417 4.52 -18.82 31.28
CA ILE A 417 3.58 -17.93 30.64
C ILE A 417 2.91 -18.63 29.46
N LEU A 418 1.71 -18.16 29.13
CA LEU A 418 0.96 -18.74 28.02
C LEU A 418 0.87 -17.75 26.88
N VAL A 419 1.16 -18.20 25.69
CA VAL A 419 0.85 -17.41 24.45
C VAL A 419 -0.25 -18.21 23.69
N ALA A 420 -1.32 -17.55 23.32
CA ALA A 420 -2.41 -18.25 22.72
C ALA A 420 -3.07 -17.43 21.62
N GLY A 421 -3.93 -18.10 20.85
CA GLY A 421 -4.80 -17.45 19.95
C GLY A 421 -4.39 -17.79 18.49
N SER A 422 -5.35 -17.67 17.58
CA SER A 422 -5.19 -17.91 16.15
C SER A 422 -4.14 -17.01 15.49
N HIS A 423 -3.87 -15.90 16.10
CA HIS A 423 -2.94 -14.90 15.54
C HIS A 423 -1.60 -14.81 16.22
N ALA A 424 -1.35 -15.67 17.23
CA ALA A 424 -0.10 -15.61 17.97
C ALA A 424 1.06 -16.24 17.24
N ASP A 425 0.83 -17.17 16.30
CA ASP A 425 1.91 -17.83 15.58
C ASP A 425 1.50 -17.98 14.14
N ASN A 426 1.16 -16.87 13.48
CA ASN A 426 0.73 -16.95 12.09
C ASN A 426 1.18 -15.70 11.34
N LEU A 427 2.27 -15.85 10.63
CA LEU A 427 2.95 -14.69 10.04
C LEU A 427 2.06 -14.07 9.00
N GLY A 428 1.38 -14.88 8.20
CA GLY A 428 0.52 -14.32 7.18
C GLY A 428 -0.64 -13.49 7.76
N TYR A 429 -1.25 -13.95 8.85
CA TYR A 429 -2.32 -13.16 9.50
C TYR A 429 -1.79 -11.83 10.04
N GLN A 430 -0.57 -11.85 10.57
CA GLN A 430 -0.03 -10.57 11.06
C GLN A 430 0.35 -9.58 10.00
N CYS A 431 0.60 -10.04 8.77
CA CYS A 431 0.83 -9.18 7.61
C CYS A 431 -0.41 -8.71 6.91
N GLY A 432 -1.47 -9.52 6.88
CA GLY A 432 -2.68 -9.13 6.19
C GLY A 432 -2.54 -9.10 4.66
N GLY A 433 -3.46 -8.44 3.99
CA GLY A 433 -3.56 -8.45 2.55
C GLY A 433 -2.28 -7.86 1.95
N TRP A 434 -2.16 -8.03 0.67
CA TRP A 434 -1.02 -7.57 -0.10
C TRP A 434 0.29 -8.06 0.44
N THR A 435 0.31 -9.34 0.80
CA THR A 435 1.54 -9.91 1.27
C THR A 435 1.64 -11.30 0.57
N ILE A 436 2.64 -11.41 -0.28
CA ILE A 436 2.97 -12.61 -1.06
C ILE A 436 1.90 -12.87 -2.14
N GLU A 437 0.65 -12.99 -1.72
CA GLU A 437 -0.50 -13.02 -2.59
C GLU A 437 -1.24 -11.70 -2.48
N PHE A 438 -2.07 -11.43 -3.45
CA PHE A 438 -2.93 -10.29 -3.45
C PHE A 438 -3.73 -10.13 -2.16
N GLN A 439 -4.42 -11.20 -1.80
CA GLN A 439 -5.31 -11.21 -0.65
C GLN A 439 -4.62 -11.66 0.64
N GLY A 440 -3.31 -11.70 0.62
CA GLY A 440 -2.53 -12.33 1.70
C GLY A 440 -2.80 -13.82 1.82
N ASP A 441 -2.40 -14.44 2.92
CA ASP A 441 -2.46 -15.85 3.09
C ASP A 441 -2.21 -16.17 4.54
N THR A 442 -2.34 -17.43 4.87
CA THR A 442 -2.15 -17.99 6.19
C THR A 442 -0.81 -18.67 6.34
N GLY A 443 -0.22 -18.55 7.53
CA GLY A 443 0.93 -19.38 7.93
C GLY A 443 2.26 -18.70 7.55
N ARG A 444 3.30 -19.52 7.38
CA ARG A 444 4.62 -19.00 7.23
C ARG A 444 4.95 -18.69 5.78
N THR A 445 4.43 -17.58 5.24
CA THR A 445 4.51 -17.31 3.84
C THR A 445 5.76 -16.56 3.42
N THR A 446 6.54 -16.08 4.38
CA THR A 446 7.74 -15.31 4.09
C THR A 446 8.61 -15.36 5.32
N VAL A 447 9.66 -14.56 5.33
CA VAL A 447 10.63 -14.55 6.44
C VAL A 447 10.17 -13.54 7.45
N GLY A 448 10.03 -13.92 8.68
CA GLY A 448 9.52 -13.00 9.68
C GLY A 448 9.52 -13.62 11.06
N THR A 449 8.98 -12.88 12.03
CA THR A 449 8.95 -13.31 13.42
C THR A 449 7.52 -13.16 13.89
N THR A 450 6.87 -14.29 14.22
CA THR A 450 5.52 -14.23 14.80
C THR A 450 5.51 -13.69 16.20
N ILE A 451 4.32 -13.44 16.73
CA ILE A 451 4.25 -13.00 18.13
C ILE A 451 4.81 -14.01 19.08
N LEU A 452 4.51 -15.26 18.88
CA LEU A 452 5.08 -16.34 19.71
C LEU A 452 6.63 -16.38 19.68
N GLU A 453 7.20 -16.33 18.49
CA GLU A 453 8.66 -16.25 18.35
C GLU A 453 9.26 -15.03 18.98
N ALA A 454 8.56 -13.91 18.91
CA ALA A 454 9.00 -12.69 19.54
C ALA A 454 9.00 -12.78 21.05
N VAL A 455 7.96 -13.41 21.59
CA VAL A 455 7.94 -13.69 23.01
C VAL A 455 9.09 -14.57 23.47
N LYS A 456 9.30 -15.65 22.76
CA LYS A 456 10.40 -16.52 23.08
C LYS A 456 11.75 -15.86 22.97
N ALA A 457 11.90 -14.90 22.05
CA ALA A 457 13.15 -14.11 21.91
C ALA A 457 13.36 -13.03 22.96
N ALA A 458 12.30 -12.60 23.63
CA ALA A 458 12.35 -11.52 24.57
C ALA A 458 12.53 -11.95 26.04
N VAL A 459 11.90 -13.06 26.43
CA VAL A 459 11.84 -13.42 27.82
C VAL A 459 13.16 -13.94 28.39
N ASP A 460 13.26 -13.84 29.73
CA ASP A 460 14.39 -14.38 30.49
C ASP A 460 14.51 -15.86 30.15
N PRO A 461 15.75 -16.39 30.13
CA PRO A 461 15.91 -17.81 29.87
C PRO A 461 15.20 -18.74 30.87
N SER A 462 14.92 -18.28 32.08
CA SER A 462 14.17 -19.10 33.04
C SER A 462 12.65 -19.17 32.80
N THR A 463 12.13 -18.35 31.87
CA THR A 463 10.71 -18.26 31.68
C THR A 463 10.28 -19.37 30.73
N VAL A 464 9.38 -20.22 31.14
CA VAL A 464 8.87 -21.29 30.29
C VAL A 464 7.70 -20.73 29.48
N VAL A 465 7.78 -20.84 28.17
CA VAL A 465 6.70 -20.28 27.32
C VAL A 465 5.91 -21.42 26.73
N VAL A 466 4.64 -21.47 27.02
CA VAL A 466 3.74 -22.45 26.45
C VAL A 466 2.86 -21.83 25.39
N PHE A 467 2.69 -22.49 24.25
CA PHE A 467 1.80 -22.00 23.19
C PHE A 467 0.61 -22.96 23.11
N ALA A 468 -0.57 -22.42 23.08
CA ALA A 468 -1.75 -23.20 22.72
C ALA A 468 -2.65 -22.36 21.89
N GLU A 469 -3.03 -22.82 20.70
CA GLU A 469 -3.74 -21.94 19.81
C GLU A 469 -5.11 -21.60 20.35
N ASN A 470 -5.85 -22.62 20.87
CA ASN A 470 -7.18 -22.42 21.35
C ASN A 470 -7.45 -23.25 22.56
N PRO A 471 -6.81 -22.90 23.66
CA PRO A 471 -6.92 -23.64 24.88
C PRO A 471 -8.31 -23.49 25.54
N ASP A 472 -8.77 -24.56 26.20
CA ASP A 472 -10.00 -24.36 27.01
C ASP A 472 -9.68 -23.80 28.37
N ALA A 473 -10.73 -23.43 29.08
CA ALA A 473 -10.62 -22.69 30.29
C ALA A 473 -9.86 -23.52 31.33
N GLU A 474 -10.14 -24.81 31.34
CA GLU A 474 -9.49 -25.73 32.29
C GLU A 474 -8.00 -25.82 32.07
N PHE A 475 -7.58 -25.87 30.78
CA PHE A 475 -6.16 -25.90 30.51
C PHE A 475 -5.44 -24.68 31.09
N VAL A 476 -6.07 -23.52 30.93
CA VAL A 476 -5.51 -22.29 31.43
C VAL A 476 -5.44 -22.31 32.95
N LYS A 477 -6.53 -22.72 33.59
CA LYS A 477 -6.59 -22.64 35.04
C LYS A 477 -5.63 -23.63 35.71
N SER A 478 -5.41 -24.74 35.03
CA SER A 478 -4.48 -25.79 35.53
C SER A 478 -3.02 -25.52 35.18
N GLY A 479 -2.71 -24.55 34.32
CA GLY A 479 -1.37 -24.51 33.82
C GLY A 479 -0.30 -23.82 34.62
N GLY A 480 -0.68 -23.17 35.72
CA GLY A 480 0.30 -22.49 36.54
C GLY A 480 0.99 -21.29 35.81
N PHE A 481 0.18 -20.61 35.01
CA PHE A 481 0.64 -19.41 34.25
C PHE A 481 0.71 -18.12 35.08
N SER A 482 1.71 -17.29 34.90
CA SER A 482 1.76 -15.97 35.50
C SER A 482 0.84 -15.00 34.82
N TYR A 483 0.74 -15.14 33.50
CA TYR A 483 -0.06 -14.29 32.66
C TYR A 483 -0.16 -14.97 31.31
N ALA A 484 -0.99 -14.37 30.45
CA ALA A 484 -1.11 -14.79 29.09
C ALA A 484 -1.11 -13.64 28.15
N ILE A 485 -0.60 -13.93 26.95
CA ILE A 485 -0.67 -13.02 25.79
C ILE A 485 -1.52 -13.75 24.74
N VAL A 486 -2.66 -13.20 24.36
CA VAL A 486 -3.57 -13.87 23.46
C VAL A 486 -3.76 -12.95 22.24
N ALA A 487 -3.51 -13.48 21.05
CA ALA A 487 -3.57 -12.67 19.82
C ALA A 487 -4.64 -13.28 18.91
N VAL A 488 -5.59 -12.43 18.51
CA VAL A 488 -6.68 -12.85 17.67
C VAL A 488 -6.99 -11.69 16.72
N GLY A 489 -7.87 -11.93 15.81
CA GLY A 489 -8.39 -10.86 14.93
C GLY A 489 -8.83 -11.24 13.55
N GLU A 490 -8.66 -10.33 12.61
CA GLU A 490 -9.11 -10.54 11.26
C GLU A 490 -8.17 -11.39 10.44
N HIS A 491 -8.75 -12.11 9.50
CA HIS A 491 -7.99 -12.82 8.45
C HIS A 491 -7.63 -11.83 7.34
N PRO A 492 -6.63 -12.17 6.53
CA PRO A 492 -6.23 -11.26 5.46
C PRO A 492 -7.32 -11.06 4.45
N TYR A 493 -7.42 -9.85 3.92
CA TYR A 493 -8.42 -9.55 2.91
C TYR A 493 -7.95 -8.32 2.14
N THR A 494 -8.57 -8.18 0.98
CA THR A 494 -8.62 -6.94 0.18
C THR A 494 -10.11 -6.50 -0.14
N GLU A 495 -10.26 -5.56 -1.01
CA GLU A 495 -11.59 -4.97 -1.19
C GLU A 495 -12.75 -5.98 -1.24
N THR A 496 -12.64 -7.00 -2.09
CA THR A 496 -13.81 -7.80 -2.47
C THR A 496 -13.85 -9.20 -1.83
N LYS A 497 -13.14 -9.36 -0.71
CA LYS A 497 -13.66 -10.21 0.40
C LYS A 497 -13.81 -9.30 1.67
N GLY A 498 -13.15 -8.14 1.65
CA GLY A 498 -12.99 -7.40 2.87
C GLY A 498 -14.09 -6.39 3.09
N ASP A 499 -14.86 -6.16 2.02
CA ASP A 499 -15.98 -5.21 2.14
C ASP A 499 -16.90 -6.08 3.01
N ASN A 500 -17.09 -5.63 4.27
CA ASN A 500 -17.65 -6.43 5.36
C ASN A 500 -18.66 -5.56 6.16
N LEU A 501 -19.88 -6.06 6.32
CA LEU A 501 -20.85 -5.20 6.93
C LEU A 501 -20.82 -5.35 8.48
N ASN A 502 -20.47 -6.52 9.02
CA ASN A 502 -20.70 -6.75 10.47
C ASN A 502 -19.45 -6.36 11.29
N LEU A 503 -18.29 -6.43 10.66
CA LEU A 503 -17.01 -6.06 11.32
C LEU A 503 -16.80 -6.76 12.68
N THR A 504 -17.08 -8.01 12.74
CA THR A 504 -16.83 -8.81 13.95
C THR A 504 -15.68 -9.75 13.61
N ILE A 505 -14.87 -10.09 14.55
CA ILE A 505 -13.78 -10.97 14.20
C ILE A 505 -14.24 -12.45 14.14
N PRO A 506 -13.58 -13.26 13.29
CA PRO A 506 -13.94 -14.66 13.16
C PRO A 506 -13.67 -15.43 14.41
N GLU A 507 -14.51 -16.41 14.64
CA GLU A 507 -14.30 -17.34 15.75
C GLU A 507 -13.41 -18.48 15.31
N PRO A 508 -12.66 -19.10 16.25
CA PRO A 508 -12.61 -18.81 17.62
C PRO A 508 -11.64 -17.60 17.66
N GLY A 509 -12.06 -16.61 18.39
CA GLY A 509 -11.26 -15.43 18.61
C GLY A 509 -11.71 -14.94 20.01
N LEU A 510 -12.94 -14.48 20.08
CA LEU A 510 -13.53 -14.02 21.35
C LEU A 510 -13.58 -15.19 22.27
N SER A 511 -14.03 -16.36 21.81
CA SER A 511 -14.10 -17.51 22.75
C SER A 511 -12.72 -17.88 23.39
N THR A 512 -11.64 -17.82 22.61
CA THR A 512 -10.30 -18.02 23.17
C THR A 512 -9.90 -16.93 24.18
N VAL A 513 -10.16 -15.66 23.88
CA VAL A 513 -9.85 -14.61 24.80
C VAL A 513 -10.65 -14.84 26.09
N GLN A 514 -11.94 -15.17 25.98
CA GLN A 514 -12.70 -15.45 27.20
C GLN A 514 -12.20 -16.62 28.02
N ALA A 515 -11.76 -17.68 27.36
CA ALA A 515 -11.21 -18.84 28.07
C ALA A 515 -9.92 -18.56 28.72
N VAL A 516 -9.06 -17.84 28.02
CA VAL A 516 -7.79 -17.50 28.59
C VAL A 516 -7.92 -16.50 29.75
N CYS A 517 -8.52 -15.36 29.47
CA CYS A 517 -8.65 -14.31 30.43
C CYS A 517 -9.50 -14.71 31.69
N GLY A 518 -10.38 -15.66 31.52
CA GLY A 518 -11.12 -16.28 32.64
C GLY A 518 -10.25 -17.05 33.59
N GLY A 519 -9.07 -17.50 33.15
CA GLY A 519 -8.15 -18.24 33.97
C GLY A 519 -6.94 -17.51 34.49
N VAL A 520 -6.48 -16.49 33.80
CA VAL A 520 -5.25 -15.82 34.17
C VAL A 520 -5.29 -14.44 33.62
N ARG A 521 -4.60 -13.47 34.24
CA ARG A 521 -4.60 -12.15 33.65
C ARG A 521 -4.02 -12.18 32.27
N CYS A 522 -4.54 -11.37 31.37
CA CYS A 522 -4.28 -11.54 29.97
C CYS A 522 -4.13 -10.21 29.25
N ALA A 523 -3.18 -10.17 28.33
CA ALA A 523 -3.02 -9.02 27.43
C ALA A 523 -3.49 -9.52 26.05
N THR A 524 -4.49 -8.91 25.46
CA THR A 524 -5.07 -9.34 24.19
C THR A 524 -4.44 -8.42 23.15
N VAL A 525 -3.90 -9.04 22.13
CA VAL A 525 -3.37 -8.30 20.98
C VAL A 525 -4.38 -8.53 19.85
N LEU A 526 -5.02 -7.44 19.41
CA LEU A 526 -5.97 -7.51 18.35
C LEU A 526 -5.30 -7.12 16.99
N ILE A 527 -5.29 -8.07 16.06
CA ILE A 527 -4.71 -7.86 14.74
C ILE A 527 -5.90 -7.57 13.81
N SER A 528 -5.90 -6.39 13.20
CA SER A 528 -7.02 -6.03 12.34
C SER A 528 -6.62 -4.97 11.37
N GLY A 529 -7.37 -4.84 10.29
CA GLY A 529 -7.10 -3.79 9.33
C GLY A 529 -7.84 -2.46 9.59
N ARG A 530 -8.58 -2.41 10.72
CA ARG A 530 -9.56 -1.40 10.98
C ARG A 530 -10.16 -1.68 12.36
N PRO A 531 -10.88 -0.71 12.87
CA PRO A 531 -11.69 -0.98 14.06
C PRO A 531 -12.71 -2.05 13.74
N VAL A 532 -12.88 -2.96 14.71
CA VAL A 532 -13.85 -4.02 14.65
C VAL A 532 -14.61 -4.02 15.98
N VAL A 533 -15.75 -4.73 16.02
CA VAL A 533 -16.55 -4.79 17.24
C VAL A 533 -15.68 -5.27 18.38
N VAL A 534 -15.51 -4.46 19.43
CA VAL A 534 -14.49 -4.70 20.44
C VAL A 534 -14.95 -4.79 21.89
N GLN A 535 -16.18 -4.35 22.15
CA GLN A 535 -16.62 -4.43 23.60
C GLN A 535 -16.47 -5.79 24.24
N PRO A 536 -16.85 -6.86 23.56
CA PRO A 536 -16.71 -8.11 24.22
C PRO A 536 -15.26 -8.49 24.53
N LEU A 537 -14.36 -8.19 23.61
CA LEU A 537 -12.94 -8.41 23.87
C LEU A 537 -12.40 -7.56 25.00
N LEU A 538 -12.81 -6.30 25.04
CA LEU A 538 -12.43 -5.44 26.16
C LEU A 538 -12.96 -5.95 27.48
N ALA A 539 -14.23 -6.41 27.48
CA ALA A 539 -14.83 -6.87 28.74
C ALA A 539 -14.07 -8.03 29.34
N ALA A 540 -13.54 -8.89 28.51
CA ALA A 540 -12.85 -10.04 29.05
C ALA A 540 -11.41 -9.76 29.43
N SER A 541 -10.79 -8.77 28.77
CA SER A 541 -9.33 -8.58 28.85
C SER A 541 -8.86 -7.66 29.97
N ASP A 542 -7.74 -8.01 30.62
CA ASP A 542 -7.08 -7.04 31.49
C ASP A 542 -6.47 -5.85 30.73
N ALA A 543 -5.74 -6.18 29.63
CA ALA A 543 -5.21 -5.22 28.75
C ALA A 543 -5.54 -5.59 27.30
N LEU A 544 -5.68 -4.57 26.45
CA LEU A 544 -5.92 -4.81 25.07
C LEU A 544 -5.21 -3.80 24.23
N VAL A 545 -4.54 -4.31 23.17
CA VAL A 545 -3.75 -3.54 22.24
C VAL A 545 -4.32 -3.73 20.83
N ALA A 546 -4.58 -2.64 20.12
CA ALA A 546 -4.86 -2.63 18.69
C ALA A 546 -3.52 -2.56 17.96
N ALA A 547 -3.12 -3.73 17.43
CA ALA A 547 -1.85 -3.84 16.73
C ALA A 547 -1.94 -3.68 15.20
N TRP A 548 -3.13 -3.45 14.69
CA TRP A 548 -3.40 -3.31 13.29
C TRP A 548 -2.82 -4.54 12.53
N LEU A 549 -2.16 -4.30 11.42
CA LEU A 549 -1.46 -5.30 10.64
C LEU A 549 0.04 -5.05 10.59
N PRO A 550 0.77 -5.51 11.64
CA PRO A 550 2.08 -4.98 11.92
C PRO A 550 3.23 -5.48 11.08
N GLY A 551 2.98 -6.47 10.26
CA GLY A 551 3.95 -6.88 9.26
C GLY A 551 4.81 -8.00 9.75
N SER A 552 6.00 -8.11 9.12
CA SER A 552 6.81 -9.29 9.37
C SER A 552 7.56 -9.27 10.71
N GLU A 553 7.72 -8.11 11.35
CA GLU A 553 8.57 -8.01 12.53
C GLU A 553 7.77 -7.99 13.82
N GLY A 554 7.35 -9.16 14.22
CA GLY A 554 6.53 -9.31 15.44
C GLY A 554 7.18 -8.85 16.73
N GLN A 555 8.50 -8.72 16.75
CA GLN A 555 9.19 -8.18 17.93
C GLN A 555 8.83 -6.74 18.23
N GLY A 556 8.23 -6.03 17.27
CA GLY A 556 7.66 -4.70 17.56
C GLY A 556 6.53 -4.79 18.59
N VAL A 557 5.75 -5.86 18.53
CA VAL A 557 4.68 -6.06 19.47
C VAL A 557 5.25 -6.31 20.89
N THR A 558 6.23 -7.19 21.01
CA THR A 558 6.74 -7.54 22.26
C THR A 558 7.64 -6.45 22.86
N ASP A 559 8.20 -5.55 22.02
CA ASP A 559 9.04 -4.45 22.50
C ASP A 559 8.17 -3.58 23.41
N ALA A 560 6.90 -3.46 23.08
CA ALA A 560 5.95 -2.69 23.91
C ALA A 560 5.35 -3.55 25.03
N LEU A 561 4.96 -4.77 24.76
CA LEU A 561 4.38 -5.60 25.80
C LEU A 561 5.27 -5.77 27.02
N PHE A 562 6.58 -5.87 26.79
CA PHE A 562 7.54 -6.13 27.82
C PHE A 562 8.26 -4.88 28.26
N GLY A 563 7.82 -3.71 27.83
CA GLY A 563 8.30 -2.46 28.41
C GLY A 563 9.69 -1.96 27.94
N ASP A 564 10.25 -2.50 26.87
CA ASP A 564 11.49 -1.98 26.27
C ASP A 564 11.22 -0.57 25.77
N PHE A 565 10.01 -0.33 25.31
CA PHE A 565 9.57 1.00 24.93
C PHE A 565 8.16 1.19 25.46
N GLY A 566 7.77 2.45 25.66
CA GLY A 566 6.41 2.76 26.09
C GLY A 566 5.45 2.78 24.94
N PHE A 567 4.16 2.51 25.20
CA PHE A 567 3.15 2.68 24.12
C PHE A 567 2.97 4.15 23.83
N THR A 568 2.89 4.51 22.55
CA THR A 568 2.76 5.87 22.12
C THR A 568 1.72 6.04 21.02
N GLY A 569 1.30 4.95 20.35
CA GLY A 569 0.35 5.04 19.23
C GLY A 569 -0.98 5.66 19.66
N ARG A 570 -1.57 6.43 18.75
CA ARG A 570 -2.91 7.01 18.97
C ARG A 570 -3.82 6.63 17.81
N LEU A 571 -5.09 6.37 18.08
CA LEU A 571 -5.99 5.98 17.03
C LEU A 571 -6.01 6.98 15.88
N PRO A 572 -5.80 6.47 14.66
CA PRO A 572 -5.93 7.31 13.49
C PRO A 572 -7.30 7.29 12.88
N ARG A 573 -8.25 6.63 13.52
CA ARG A 573 -9.60 6.43 13.02
C ARG A 573 -10.45 6.44 14.25
N THR A 574 -11.71 6.75 14.07
CA THR A 574 -12.73 6.58 15.09
C THR A 574 -13.00 5.11 15.38
N TRP A 575 -13.08 4.75 16.66
CA TRP A 575 -13.56 3.41 17.01
C TRP A 575 -15.02 3.51 17.36
N PHE A 576 -15.84 2.96 16.51
CA PHE A 576 -17.32 2.95 16.63
C PHE A 576 -17.79 2.07 17.77
N LYS A 577 -18.99 2.44 18.31
CA LYS A 577 -19.63 1.57 19.25
C LYS A 577 -20.38 0.44 18.54
N SER A 578 -20.96 0.76 17.38
CA SER A 578 -21.75 -0.23 16.65
C SER A 578 -21.62 0.05 15.13
N VAL A 579 -21.72 -0.96 14.29
CA VAL A 579 -21.71 -0.74 12.83
C VAL A 579 -22.93 0.03 12.35
N ASP A 580 -24.02 -0.01 13.15
CA ASP A 580 -25.20 0.82 12.83
C ASP A 580 -24.88 2.28 12.82
N GLN A 581 -23.83 2.71 13.53
CA GLN A 581 -23.46 4.13 13.46
C GLN A 581 -22.80 4.61 12.19
N LEU A 582 -22.28 3.64 11.42
CA LEU A 582 -21.41 4.04 10.29
C LEU A 582 -22.20 4.56 9.06
N PRO A 583 -21.63 5.50 8.34
CA PRO A 583 -20.33 6.13 8.62
C PRO A 583 -20.34 7.13 9.75
N MET A 584 -19.26 7.17 10.49
CA MET A 584 -19.17 8.08 11.64
C MET A 584 -17.75 8.50 11.78
N ASN A 585 -17.49 9.76 11.44
CA ASN A 585 -16.10 10.26 11.50
C ASN A 585 -15.93 11.45 12.41
N VAL A 586 -14.66 11.64 12.81
CA VAL A 586 -14.30 12.77 13.69
C VAL A 586 -14.76 14.08 13.06
N GLY A 587 -15.36 14.94 13.87
CA GLY A 587 -16.00 16.15 13.38
C GLY A 587 -17.43 16.00 12.91
N ASP A 588 -17.98 14.80 12.86
CA ASP A 588 -19.40 14.67 12.46
C ASP A 588 -20.32 15.28 13.48
N ALA A 589 -21.55 15.58 13.06
CA ALA A 589 -22.51 16.07 14.09
C ALA A 589 -22.94 15.01 15.11
N HIS A 590 -23.26 13.80 14.67
CA HIS A 590 -23.83 12.76 15.56
C HIS A 590 -22.71 11.85 16.26
N TYR A 591 -21.57 12.48 16.63
CA TYR A 591 -20.31 11.75 16.94
C TYR A 591 -20.31 11.12 18.32
N ASP A 592 -20.50 9.78 18.35
CA ASP A 592 -20.64 9.04 19.58
C ASP A 592 -19.68 7.80 19.57
N PRO A 593 -18.41 8.06 19.62
CA PRO A 593 -17.43 6.93 19.51
C PRO A 593 -17.28 6.10 20.74
N LEU A 594 -16.88 4.86 20.57
CA LEU A 594 -16.35 4.10 21.70
C LEU A 594 -15.02 4.68 22.12
N PHE A 595 -14.10 4.90 21.15
CA PHE A 595 -12.88 5.63 21.40
C PHE A 595 -12.74 6.66 20.30
N ARG A 596 -12.50 7.90 20.68
CA ARG A 596 -12.37 8.93 19.62
C ARG A 596 -11.00 8.86 18.88
N LEU A 597 -10.98 9.44 17.71
CA LEU A 597 -9.77 9.57 16.97
C LEU A 597 -8.79 10.24 17.88
N GLY A 598 -7.55 9.77 17.93
CA GLY A 598 -6.49 10.35 18.80
C GLY A 598 -6.33 9.67 20.18
N TYR A 599 -7.23 8.77 20.53
CA TYR A 599 -7.22 8.10 21.83
C TYR A 599 -6.05 7.12 21.87
N GLY A 600 -5.38 6.99 23.00
CA GLY A 600 -4.40 5.89 23.16
C GLY A 600 -3.79 6.03 24.54
N LEU A 601 -3.78 4.96 25.31
CA LEU A 601 -3.17 5.01 26.61
C LEU A 601 -1.68 4.91 26.43
N THR A 602 -0.90 5.25 27.43
CA THR A 602 0.58 5.14 27.35
C THR A 602 1.12 4.31 28.50
N THR A 603 2.37 3.88 28.34
CA THR A 603 3.12 3.28 29.37
C THR A 603 4.48 3.98 29.29
N ASN A 604 5.22 3.78 30.34
CA ASN A 604 6.67 4.15 30.35
C ASN A 604 7.53 2.87 30.14
N ALA A 605 8.63 3.02 29.43
CA ALA A 605 9.60 1.94 29.33
C ALA A 605 10.09 1.44 30.77
N THR A 606 10.24 0.13 30.97
CA THR A 606 10.86 -0.46 32.17
C THR A 606 12.26 -0.87 31.86
S6 U1Y B . -6.80 -4.31 -8.63
C1 U1Y B . -6.67 -8.73 -8.87
O1 U1Y B . -7.99 -9.15 -9.26
C7 U1Y B . -9.03 -9.10 -8.23
C7 U1Y B . -8.76 -10.07 -8.39
O5 U1Y B . -6.82 -7.30 -8.50
C5 U1Y B . -5.63 -6.73 -7.88
C4 U1Y B . -4.49 -6.79 -8.93
O4 U1Y B . -3.26 -6.40 -8.31
C3 U1Y B . -4.35 -8.29 -9.39
O3 U1Y B . -3.33 -8.23 -10.42
C2 U1Y B . -5.65 -8.81 -10.02
O2 U1Y B . -5.50 -10.26 -10.24
C6 U1Y B . -5.98 -5.33 -7.36
C2 BGC B . -5.65 -2.10 -7.46
C3 BGC B . -4.45 -1.16 -7.53
C4 BGC B . -3.12 -1.92 -7.84
C5 BGC B . -3.33 -2.50 -9.28
C6 BGC B . -2.04 -3.17 -9.86
C1 BGC B . -5.71 -2.90 -8.82
O2 BGC B . -6.87 -1.31 -7.35
O3 BGC B . -4.29 -0.48 -6.19
O4 BGC B . -2.10 -0.92 -7.93
O5 BGC B . -4.40 -3.46 -9.11
O6 BGC B . -1.81 -4.34 -9.04
C1 GOL C . -10.37 0.80 -4.59
O1 GOL C . -10.39 -0.48 -5.22
C2 GOL C . -10.00 1.95 -5.58
O2 GOL C . -11.17 2.72 -5.91
C3 GOL C . -9.22 1.36 -6.71
O3 GOL C . -9.28 2.19 -7.90
C1 GOL D . 9.07 9.84 -39.15
O1 GOL D . 10.21 9.78 -38.32
C2 GOL D . 8.01 8.94 -38.58
O2 GOL D . 8.75 7.83 -38.17
C3 GOL D . 7.35 9.72 -37.49
O3 GOL D . 8.02 10.96 -37.61
C1 GOL E . 11.64 7.85 19.38
O1 GOL E . 11.71 8.22 17.99
C2 GOL E . 11.64 6.32 19.49
O2 GOL E . 11.11 5.90 20.72
C3 GOL E . 12.99 5.71 19.42
O3 GOL E . 12.74 4.50 18.76
C1 GOL F . -2.19 -26.55 20.39
O1 GOL F . -2.10 -25.30 19.69
C2 GOL F . -3.65 -26.99 20.57
O2 GOL F . -4.45 -26.74 19.42
C3 GOL F . -4.40 -26.24 21.65
O3 GOL F . -5.41 -25.49 20.99
C1 GOL G . 0.22 -11.25 36.44
O1 GOL G . -1.16 -10.95 36.48
C2 GOL G . 1.04 -10.03 36.61
O2 GOL G . 0.26 -8.86 36.25
C3 GOL G . 2.34 -10.20 35.80
O3 GOL G . 3.37 -9.61 36.55
C1 GOL H . 15.39 -12.31 10.53
O1 GOL H . 16.58 -11.51 10.87
C2 GOL H . 14.24 -11.65 11.29
O2 GOL H . 14.43 -12.11 12.60
C3 GOL H . 12.90 -12.10 10.84
O3 GOL H . 11.97 -11.29 11.58
OH2 1PE I . 14.47 19.90 -18.83
C12 1PE I . 14.80 19.69 -17.48
C22 1PE I . 16.29 19.70 -17.22
OH3 1PE I . 16.76 18.37 -17.00
C23 1PE I . 17.98 18.35 -16.22
C15 1PE J . -11.69 -10.89 8.01
C25 1PE J . -11.60 -11.99 8.97
OH6 1PE J . -12.96 -10.88 7.32
C16 1PE J . -14.03 -10.25 5.37
C26 1PE J . -12.88 -11.08 5.90
OH7 1PE J . -13.73 -8.85 5.60
OH3 1PE K . -9.27 -16.72 13.37
C13 1PE K . -9.37 -19.14 12.64
C23 1PE K . -9.67 -18.07 13.73
OH4 1PE K . -7.98 -19.50 12.56
C14 1PE K . -6.01 -20.44 11.49
C24 1PE K . -7.55 -20.32 11.46
OH5 1PE K . -5.46 -21.29 12.51
S SO4 L . 22.41 7.63 -9.81
O1 SO4 L . 23.71 7.12 -10.35
O2 SO4 L . 21.41 6.75 -10.48
O3 SO4 L . 22.07 9.09 -10.03
O4 SO4 L . 22.30 7.44 -8.33
S SO4 M . -20.73 -5.61 -14.20
O1 SO4 M . -20.94 -4.16 -14.50
O2 SO4 M . -19.52 -6.19 -14.88
O3 SO4 M . -21.95 -6.36 -14.58
O4 SO4 M . -20.55 -5.75 -12.73
S SO4 N . -4.18 16.52 -34.40
O1 SO4 N . -3.02 16.90 -35.17
O2 SO4 N . -4.69 15.13 -34.71
O3 SO4 N . -3.95 16.72 -32.96
O4 SO4 N . -5.17 17.57 -34.60
C ACT O . -13.70 8.68 24.30
O ACT O . -12.73 8.49 23.55
OXT ACT O . -13.78 7.93 25.31
CH3 ACT O . -14.72 9.80 24.02
#